data_2NZA
#
_entry.id   2NZA
#
_cell.length_a   186.610
_cell.length_b   44.348
_cell.length_c   130.619
_cell.angle_alpha   90.00
_cell.angle_beta   98.23
_cell.angle_gamma   90.00
#
_symmetry.space_group_name_H-M   'C 1 2 1'
#
loop_
_entity.id
_entity.type
_entity.pdbx_description
1 polymer 'Cytochrome P450 CYP158A1'
2 non-polymer 'PROTOPORPHYRIN IX CONTAINING FE'
3 water water
#
_entity_poly.entity_id   1
_entity_poly.type   'polypeptide(L)'
_entity_poly.pdbx_seq_one_letter_code
;MTQETTTLTGQSPPPVRDWPALDLDGPEFDPVLAELMREGPLTRVRLPHGEGWAWLATRYDDVKAITNDPRFGRAEVTQR
QITRLAPHFKPRPGSLAFADQPDHNRLRRAVAGAFTVGATKRLRPRAQEILDGLVDGILAEGPPADLVERVLEPFPIAVV
SEVMGVPAADRERVHSWTRQIISTSGGAEAAERAKRGLYGWITETVRARAGSEGGDVYSMLGAAVGRGEVGETEAVGLAG
PLQIGGEAVTHNVGQMLYLLLTRRELMARMRERPGARGTALDELLRWISHRTSVGLARIALEDVEVHGTRIAAGEPVYVS
YLAANRDPDVFPDPDRIDLDRDPNPHLAYGNGHHFCTGAVLARMQTELLVDTLLERLPGLRLAVPAEQVAWRRKTMIRGP
RTLPCTWHHHHHH
;
_entity_poly.pdbx_strand_id   A,B
#
# COMPACT_ATOMS: atom_id res chain seq x y z
N PRO A 13 28.72 -0.39 -45.28
CA PRO A 13 28.62 -0.75 -43.83
C PRO A 13 27.72 -1.97 -43.64
N PRO A 14 27.76 -2.59 -42.44
CA PRO A 14 26.94 -3.77 -42.14
C PRO A 14 25.46 -3.37 -41.96
N PRO A 15 24.53 -4.23 -42.39
CA PRO A 15 23.09 -3.94 -42.27
C PRO A 15 22.61 -3.65 -40.84
N VAL A 16 21.73 -2.68 -40.71
CA VAL A 16 21.18 -2.29 -39.42
C VAL A 16 20.48 -3.46 -38.75
N ARG A 17 20.61 -3.55 -37.42
CA ARG A 17 20.02 -4.64 -36.67
C ARG A 17 18.85 -4.21 -35.79
N ASP A 18 17.86 -5.06 -35.67
CA ASP A 18 16.71 -4.76 -34.83
C ASP A 18 16.93 -5.30 -33.42
N TRP A 19 16.79 -4.44 -32.43
CA TRP A 19 16.98 -4.86 -31.06
C TRP A 19 15.66 -4.65 -30.34
N PRO A 20 14.77 -5.66 -30.41
CA PRO A 20 13.45 -5.60 -29.78
C PRO A 20 13.55 -5.48 -28.27
N ALA A 21 12.45 -5.08 -27.67
CA ALA A 21 12.38 -4.96 -26.23
C ALA A 21 11.90 -6.31 -25.68
N LEU A 22 12.78 -7.31 -25.70
CA LEU A 22 12.40 -8.64 -25.19
C LEU A 22 12.42 -8.71 -23.67
N ASP A 23 11.49 -9.49 -23.13
CA ASP A 23 11.37 -9.66 -21.69
C ASP A 23 11.86 -11.02 -21.26
N LEU A 24 13.10 -11.07 -20.79
CA LEU A 24 13.70 -12.30 -20.34
C LEU A 24 13.02 -12.69 -19.03
N ASP A 25 12.71 -13.98 -18.87
CA ASP A 25 12.10 -14.45 -17.65
C ASP A 25 13.24 -14.99 -16.79
N GLY A 26 13.99 -14.07 -16.18
CA GLY A 26 15.11 -14.46 -15.34
C GLY A 26 16.19 -13.41 -15.40
N PRO A 27 17.41 -13.72 -14.93
CA PRO A 27 18.53 -12.76 -14.94
C PRO A 27 19.36 -12.90 -16.21
N GLU A 28 18.85 -13.68 -17.14
CA GLU A 28 19.49 -13.98 -18.43
C GLU A 28 20.01 -12.78 -19.17
N PHE A 29 21.28 -12.82 -19.57
CA PHE A 29 21.88 -11.74 -20.35
C PHE A 29 21.06 -11.61 -21.65
N ASP A 30 21.05 -10.44 -22.30
CA ASP A 30 20.27 -10.26 -23.52
C ASP A 30 20.95 -10.98 -24.70
N PRO A 31 20.29 -12.03 -25.24
CA PRO A 31 20.85 -12.78 -26.37
C PRO A 31 21.18 -11.94 -27.62
N VAL A 32 20.26 -11.05 -27.99
CA VAL A 32 20.44 -10.20 -29.16
C VAL A 32 21.64 -9.32 -28.91
N LEU A 33 21.80 -8.87 -27.66
CA LEU A 33 22.95 -8.05 -27.32
C LEU A 33 24.16 -8.97 -27.50
N ALA A 34 24.12 -10.16 -26.91
CA ALA A 34 25.20 -11.11 -27.05
C ALA A 34 25.61 -11.20 -28.51
N GLU A 35 24.62 -11.24 -29.40
CA GLU A 35 24.85 -11.32 -30.85
C GLU A 35 25.59 -10.12 -31.41
N LEU A 36 25.04 -8.92 -31.17
CA LEU A 36 25.65 -7.68 -31.62
C LEU A 36 27.09 -7.62 -31.13
N MET A 37 27.34 -8.20 -29.97
CA MET A 37 28.68 -8.19 -29.41
C MET A 37 29.69 -8.90 -30.30
N ARG A 38 29.33 -10.09 -30.76
CA ARG A 38 30.24 -10.88 -31.60
C ARG A 38 30.11 -10.51 -33.07
N GLU A 39 29.42 -9.42 -33.36
CA GLU A 39 29.24 -8.99 -34.72
C GLU A 39 30.24 -7.88 -35.05
N GLY A 40 30.98 -7.43 -34.05
CA GLY A 40 31.97 -6.38 -34.28
C GLY A 40 31.97 -5.27 -33.23
N PRO A 41 33.10 -4.55 -33.10
CA PRO A 41 33.24 -3.45 -32.14
C PRO A 41 32.14 -2.40 -32.22
N LEU A 42 31.60 -2.18 -33.42
CA LEU A 42 30.51 -1.22 -33.61
C LEU A 42 29.45 -1.85 -34.46
N THR A 43 28.19 -1.53 -34.18
CA THR A 43 27.08 -2.07 -34.95
C THR A 43 25.96 -1.05 -35.02
N ARG A 44 25.07 -1.20 -35.99
CA ARG A 44 23.96 -0.26 -36.11
C ARG A 44 22.69 -0.96 -35.71
N VAL A 45 22.01 -0.41 -34.73
CA VAL A 45 20.81 -1.02 -34.23
C VAL A 45 19.62 -0.10 -34.28
N ARG A 46 18.44 -0.70 -34.38
CA ARG A 46 17.19 0.02 -34.44
C ARG A 46 16.43 -0.45 -33.21
N LEU A 47 16.10 0.49 -32.33
CA LEU A 47 15.38 0.17 -31.12
C LEU A 47 13.89 0.22 -31.43
N PRO A 48 13.04 -0.16 -30.45
CA PRO A 48 11.58 -0.16 -30.61
C PRO A 48 10.93 1.15 -31.01
N HIS A 49 11.28 2.25 -30.34
CA HIS A 49 10.65 3.52 -30.66
C HIS A 49 11.61 4.55 -31.26
N GLY A 50 11.08 5.73 -31.57
CA GLY A 50 11.91 6.76 -32.17
C GLY A 50 12.34 6.34 -33.55
N GLU A 51 12.61 7.30 -34.43
CA GLU A 51 13.01 6.99 -35.80
C GLU A 51 14.50 6.75 -35.98
N GLY A 52 14.82 6.19 -37.14
CA GLY A 52 16.20 5.92 -37.50
C GLY A 52 16.89 4.81 -36.73
N TRP A 53 18.20 4.75 -36.90
CA TRP A 53 19.01 3.77 -36.21
C TRP A 53 19.97 4.50 -35.28
N ALA A 54 20.91 3.77 -34.68
CA ALA A 54 21.88 4.40 -33.80
C ALA A 54 23.11 3.53 -33.65
N TRP A 55 24.26 4.17 -33.48
CA TRP A 55 25.51 3.46 -33.30
C TRP A 55 25.54 2.75 -31.95
N LEU A 56 26.31 1.68 -31.86
CA LEU A 56 26.42 0.94 -30.60
C LEU A 56 27.82 0.44 -30.37
N ALA A 57 28.43 0.90 -29.28
CA ALA A 57 29.78 0.49 -28.91
C ALA A 57 29.69 -0.59 -27.83
N THR A 58 30.18 -1.78 -28.19
CA THR A 58 30.16 -2.94 -27.30
C THR A 58 31.47 -3.19 -26.54
N ARG A 59 32.58 -2.71 -27.08
CA ARG A 59 33.88 -2.91 -26.46
C ARG A 59 34.19 -1.98 -25.29
N TYR A 60 34.69 -2.58 -24.21
CA TYR A 60 35.04 -1.86 -22.98
C TYR A 60 35.67 -0.50 -23.23
N ASP A 61 36.85 -0.53 -23.83
CA ASP A 61 37.61 0.66 -24.13
C ASP A 61 36.86 1.70 -24.94
N ASP A 62 36.20 1.27 -26.02
CA ASP A 62 35.45 2.21 -26.83
C ASP A 62 34.39 2.87 -25.96
N VAL A 63 33.71 2.05 -25.15
CA VAL A 63 32.66 2.55 -24.27
C VAL A 63 33.19 3.57 -23.29
N LYS A 64 34.20 3.21 -22.52
CA LYS A 64 34.76 4.13 -21.53
C LYS A 64 35.20 5.41 -22.23
N ALA A 65 35.85 5.23 -23.37
CA ALA A 65 36.36 6.32 -24.21
C ALA A 65 35.25 7.19 -24.78
N ILE A 66 34.24 6.55 -25.36
CA ILE A 66 33.12 7.30 -25.92
C ILE A 66 32.48 8.15 -24.81
N THR A 67 32.23 7.52 -23.67
CA THR A 67 31.65 8.20 -22.50
C THR A 67 32.53 9.26 -21.85
N ASN A 68 33.74 9.42 -22.37
CA ASN A 68 34.59 10.43 -21.79
C ASN A 68 35.12 11.43 -22.81
N ASP A 69 34.58 11.37 -24.02
CA ASP A 69 34.99 12.28 -25.07
C ASP A 69 34.12 13.53 -25.01
N PRO A 70 34.74 14.72 -24.90
CA PRO A 70 33.99 15.97 -24.82
C PRO A 70 33.18 16.22 -26.08
N ARG A 71 33.56 15.53 -27.16
CA ARG A 71 32.90 15.67 -28.45
C ARG A 71 31.56 14.97 -28.58
N PHE A 72 31.04 14.45 -27.47
CA PHE A 72 29.73 13.79 -27.46
C PHE A 72 28.75 14.55 -26.57
N GLY A 73 27.75 15.17 -27.19
CA GLY A 73 26.78 15.93 -26.43
C GLY A 73 25.62 15.07 -25.97
N ARG A 74 25.05 15.38 -24.81
CA ARG A 74 23.93 14.64 -24.29
C ARG A 74 22.69 15.51 -24.23
N ALA A 75 22.89 16.81 -24.41
CA ALA A 75 21.79 17.75 -24.38
C ALA A 75 21.02 17.68 -25.70
N GLU A 76 21.75 17.69 -26.80
CA GLU A 76 21.12 17.63 -28.12
C GLU A 76 20.12 16.48 -28.18
N VAL A 77 20.39 15.42 -27.44
CA VAL A 77 19.53 14.24 -27.42
C VAL A 77 18.11 14.56 -26.98
N THR A 78 17.91 15.71 -26.36
CA THR A 78 16.59 16.09 -25.90
C THR A 78 15.79 16.69 -27.04
N GLN A 79 16.49 17.09 -28.09
CA GLN A 79 15.81 17.71 -29.24
C GLN A 79 15.60 16.83 -30.45
N ARG A 80 16.17 15.62 -30.45
CA ARG A 80 16.02 14.73 -31.61
C ARG A 80 15.11 13.54 -31.35
N GLN A 81 14.87 12.74 -32.39
CA GLN A 81 14.02 11.57 -32.25
C GLN A 81 14.81 10.26 -32.28
N ILE A 82 15.98 10.27 -31.64
CA ILE A 82 16.85 9.09 -31.57
C ILE A 82 16.07 7.80 -31.34
N THR A 83 16.45 6.73 -32.04
CA THR A 83 15.78 5.45 -31.87
C THR A 83 15.96 5.13 -30.38
N ARG A 84 14.84 4.98 -29.67
CA ARG A 84 14.88 4.69 -28.23
C ARG A 84 14.11 3.46 -27.80
N LEU A 85 14.36 3.04 -26.57
CA LEU A 85 13.74 1.86 -25.99
C LEU A 85 12.42 2.16 -25.29
N ALA A 86 12.21 3.43 -24.93
CA ALA A 86 10.99 3.83 -24.23
C ALA A 86 9.91 4.40 -25.14
N PRO A 87 8.63 4.11 -24.85
CA PRO A 87 7.54 4.64 -25.68
C PRO A 87 7.53 6.17 -25.69
N HIS A 88 7.40 6.77 -24.51
CA HIS A 88 7.39 8.22 -24.40
C HIS A 88 8.78 8.72 -24.01
N PHE A 89 9.06 10.00 -24.23
CA PHE A 89 10.35 10.60 -23.90
C PHE A 89 10.19 12.10 -23.64
N LYS A 90 10.16 12.49 -22.36
CA LYS A 90 9.98 13.90 -21.99
C LYS A 90 11.03 14.42 -21.00
N PRO A 91 12.21 14.85 -21.50
CA PRO A 91 13.28 15.37 -20.64
C PRO A 91 12.82 16.62 -19.92
N ARG A 92 13.24 16.81 -18.67
CA ARG A 92 12.84 18.00 -17.90
C ARG A 92 14.01 18.89 -17.46
N PRO A 93 13.78 20.21 -17.41
CA PRO A 93 14.80 21.18 -17.00
C PRO A 93 15.41 20.87 -15.64
N GLY A 94 16.73 20.77 -15.60
CA GLY A 94 17.43 20.48 -14.36
C GLY A 94 17.97 19.07 -14.30
N SER A 95 17.44 18.18 -15.13
CA SER A 95 17.88 16.79 -15.14
C SER A 95 19.35 16.61 -15.46
N LEU A 96 20.10 15.95 -14.57
CA LEU A 96 21.52 15.70 -14.79
C LEU A 96 21.73 14.85 -16.02
N ALA A 97 20.77 13.96 -16.27
CA ALA A 97 20.83 13.06 -17.41
C ALA A 97 21.15 13.76 -18.73
N PHE A 98 20.60 14.95 -18.93
CA PHE A 98 20.84 15.70 -20.17
C PHE A 98 21.65 16.94 -19.95
N ALA A 99 22.39 16.96 -18.85
CA ALA A 99 23.22 18.11 -18.53
C ALA A 99 24.54 18.02 -19.25
N ASP A 100 25.01 19.16 -19.74
CA ASP A 100 26.28 19.24 -20.42
C ASP A 100 27.10 20.35 -19.81
N GLN A 101 28.38 20.06 -19.54
CA GLN A 101 29.27 21.05 -18.95
C GLN A 101 29.13 22.31 -19.78
N PRO A 102 29.19 23.49 -19.15
CA PRO A 102 29.41 23.75 -17.73
C PRO A 102 28.14 23.51 -16.91
N ASP A 103 27.02 23.42 -17.61
CA ASP A 103 25.75 23.20 -16.95
C ASP A 103 25.83 22.11 -15.92
N HIS A 104 25.87 20.88 -16.41
CA HIS A 104 25.96 19.68 -15.57
C HIS A 104 26.71 19.97 -14.26
N ASN A 105 27.97 20.33 -14.40
CA ASN A 105 28.82 20.63 -13.26
C ASN A 105 28.16 21.59 -12.28
N ARG A 106 27.60 22.68 -12.79
CA ARG A 106 26.92 23.66 -11.94
C ARG A 106 25.85 23.00 -11.09
N LEU A 107 25.04 22.17 -11.75
CA LEU A 107 23.94 21.44 -11.12
C LEU A 107 24.39 20.45 -10.05
N ARG A 108 25.13 19.42 -10.46
CA ARG A 108 25.57 18.42 -9.51
C ARG A 108 26.15 19.09 -8.27
N ARG A 109 26.82 20.21 -8.46
CA ARG A 109 27.44 20.97 -7.37
C ARG A 109 26.42 21.20 -6.25
N ALA A 110 25.21 21.59 -6.63
CA ALA A 110 24.15 21.87 -5.67
C ALA A 110 23.67 20.68 -4.85
N VAL A 111 24.01 19.45 -5.22
CA VAL A 111 23.51 18.32 -4.45
C VAL A 111 24.55 17.28 -4.11
N ALA A 112 25.65 17.28 -4.87
CA ALA A 112 26.73 16.32 -4.68
C ALA A 112 27.12 16.03 -3.23
N GLY A 113 27.25 17.07 -2.41
CA GLY A 113 27.64 16.88 -1.03
C GLY A 113 26.93 15.76 -0.27
N ALA A 114 25.63 15.62 -0.51
CA ALA A 114 24.84 14.57 0.15
C ALA A 114 25.24 13.13 -0.19
N PHE A 115 25.80 12.90 -1.39
CA PHE A 115 26.18 11.55 -1.80
C PHE A 115 27.65 11.18 -1.69
N THR A 116 28.46 12.05 -1.09
CA THR A 116 29.89 11.79 -0.92
C THR A 116 30.15 10.59 0.00
N VAL A 117 31.40 10.12 0.00
CA VAL A 117 31.78 9.00 0.84
C VAL A 117 31.69 9.40 2.31
N GLY A 118 32.06 10.62 2.63
CA GLY A 118 31.97 11.06 4.01
C GLY A 118 30.52 11.24 4.40
N ALA A 119 29.72 11.65 3.42
CA ALA A 119 28.31 11.90 3.64
C ALA A 119 27.54 10.62 3.88
N THR A 120 28.03 9.53 3.30
CA THR A 120 27.39 8.22 3.40
C THR A 120 27.87 7.38 4.58
N LYS A 121 29.08 7.66 5.04
CA LYS A 121 29.62 6.93 6.18
C LYS A 121 28.82 7.35 7.43
N ARG A 122 28.37 8.61 7.42
CA ARG A 122 27.61 9.20 8.52
C ARG A 122 26.15 8.71 8.55
N LEU A 123 25.68 8.19 7.43
CA LEU A 123 24.31 7.70 7.30
C LEU A 123 24.18 6.22 7.67
N ARG A 124 25.21 5.44 7.34
CA ARG A 124 25.21 3.99 7.59
C ARG A 124 24.41 3.66 8.84
N PRO A 125 24.75 4.27 9.98
CA PRO A 125 24.05 4.01 11.24
C PRO A 125 22.54 4.27 11.20
N ARG A 126 22.12 5.40 10.66
CA ARG A 126 20.69 5.70 10.57
C ARG A 126 20.01 4.85 9.50
N ALA A 127 20.78 4.40 8.52
CA ALA A 127 20.22 3.58 7.46
C ALA A 127 20.14 2.15 7.96
N GLN A 128 21.00 1.81 8.92
CA GLN A 128 21.02 0.48 9.49
C GLN A 128 19.81 0.38 10.40
N GLU A 129 19.57 1.46 11.14
CA GLU A 129 18.44 1.52 12.07
C GLU A 129 17.15 1.28 11.28
N ILE A 130 17.04 1.99 10.16
CA ILE A 130 15.89 1.87 9.26
C ILE A 130 15.68 0.41 8.85
N LEU A 131 16.70 -0.17 8.22
CA LEU A 131 16.66 -1.56 7.78
C LEU A 131 16.27 -2.53 8.89
N ASP A 132 16.77 -2.26 10.09
CA ASP A 132 16.48 -3.08 11.27
C ASP A 132 15.01 -3.11 11.62
N GLY A 133 14.36 -1.97 11.55
CA GLY A 133 12.94 -1.94 11.84
C GLY A 133 12.30 -2.89 10.86
N LEU A 134 12.52 -2.65 9.57
CA LEU A 134 11.94 -3.48 8.52
C LEU A 134 12.13 -4.97 8.78
N VAL A 135 13.33 -5.36 9.22
CA VAL A 135 13.64 -6.76 9.50
C VAL A 135 12.89 -7.21 10.75
N ASP A 136 12.76 -6.29 11.70
CA ASP A 136 12.05 -6.54 12.94
C ASP A 136 10.65 -7.05 12.64
N GLY A 137 10.07 -6.54 11.57
CA GLY A 137 8.72 -6.92 11.19
C GLY A 137 8.55 -8.29 10.59
N ILE A 138 9.25 -8.56 9.48
CA ILE A 138 9.10 -9.86 8.86
C ILE A 138 9.54 -10.98 9.83
N LEU A 139 10.55 -10.70 10.65
CA LEU A 139 11.02 -11.69 11.62
C LEU A 139 9.90 -12.05 12.58
N ALA A 140 9.21 -11.02 13.06
CA ALA A 140 8.13 -11.18 14.02
C ALA A 140 6.83 -11.74 13.48
N GLU A 141 6.57 -11.55 12.19
CA GLU A 141 5.33 -12.07 11.61
C GLU A 141 5.48 -13.54 11.21
N GLY A 142 6.71 -13.94 10.90
CA GLY A 142 6.93 -15.32 10.50
C GLY A 142 7.43 -15.45 9.06
N PRO A 143 8.25 -16.47 8.80
CA PRO A 143 8.91 -16.88 7.55
C PRO A 143 8.27 -16.59 6.19
N PRO A 144 7.03 -17.04 5.96
CA PRO A 144 6.47 -16.73 4.65
C PRO A 144 6.44 -15.21 4.38
N ALA A 145 7.48 -14.68 3.73
CA ALA A 145 7.51 -13.26 3.45
C ALA A 145 8.24 -12.92 2.16
N ASP A 146 7.75 -11.86 1.52
CA ASP A 146 8.31 -11.37 0.25
C ASP A 146 9.36 -10.30 0.50
N LEU A 147 10.62 -10.68 0.45
CA LEU A 147 11.70 -9.72 0.69
C LEU A 147 11.60 -8.49 -0.21
N VAL A 148 11.07 -8.65 -1.42
CA VAL A 148 10.97 -7.51 -2.33
C VAL A 148 10.05 -6.41 -1.83
N GLU A 149 8.84 -6.78 -1.42
CA GLU A 149 7.92 -5.76 -0.94
C GLU A 149 8.07 -5.39 0.53
N ARG A 150 8.75 -6.22 1.31
CA ARG A 150 8.92 -5.97 2.74
C ARG A 150 10.26 -5.37 3.14
N VAL A 151 11.26 -5.47 2.28
CA VAL A 151 12.57 -4.93 2.62
C VAL A 151 13.16 -4.16 1.44
N LEU A 152 13.52 -4.88 0.39
CA LEU A 152 14.13 -4.31 -0.81
C LEU A 152 13.47 -3.08 -1.43
N GLU A 153 12.18 -2.86 -1.21
CA GLU A 153 11.53 -1.70 -1.82
C GLU A 153 11.34 -0.47 -0.94
N PRO A 154 10.75 -0.63 0.26
CA PRO A 154 10.51 0.47 1.18
C PRO A 154 11.79 1.02 1.81
N PHE A 155 12.88 0.26 1.65
CA PHE A 155 14.16 0.61 2.23
C PHE A 155 15.03 1.58 1.44
N PRO A 156 15.35 1.28 0.17
CA PRO A 156 16.19 2.25 -0.55
C PRO A 156 15.53 3.61 -0.52
N ILE A 157 14.21 3.59 -0.59
CA ILE A 157 13.39 4.80 -0.58
C ILE A 157 13.61 5.60 0.69
N ALA A 158 13.24 5.00 1.82
CA ALA A 158 13.37 5.62 3.14
C ALA A 158 14.76 6.19 3.37
N VAL A 159 15.79 5.41 3.05
CA VAL A 159 17.17 5.84 3.23
C VAL A 159 17.43 7.06 2.37
N VAL A 160 16.91 7.04 1.15
CA VAL A 160 17.11 8.17 0.24
C VAL A 160 16.32 9.40 0.70
N SER A 161 15.13 9.18 1.22
CA SER A 161 14.31 10.28 1.70
C SER A 161 14.99 10.95 2.90
N GLU A 162 15.88 10.20 3.54
CA GLU A 162 16.64 10.72 4.66
C GLU A 162 17.66 11.71 4.11
N VAL A 163 18.46 11.23 3.15
CA VAL A 163 19.49 12.06 2.52
C VAL A 163 18.83 13.27 1.87
N MET A 164 17.75 13.01 1.14
CA MET A 164 17.01 14.06 0.44
C MET A 164 16.61 15.16 1.39
N GLY A 165 16.23 14.76 2.60
CA GLY A 165 15.83 15.73 3.60
C GLY A 165 14.34 15.89 3.73
N VAL A 166 13.62 14.80 3.52
CA VAL A 166 12.17 14.83 3.66
C VAL A 166 11.93 14.94 5.16
N PRO A 167 11.06 15.86 5.58
CA PRO A 167 10.75 16.04 7.00
C PRO A 167 10.23 14.74 7.65
N ALA A 168 9.76 14.81 8.90
CA ALA A 168 9.25 13.63 9.58
C ALA A 168 7.75 13.49 9.42
N ALA A 169 7.08 14.61 9.16
CA ALA A 169 5.64 14.62 8.97
C ALA A 169 5.37 14.32 7.51
N ASP A 170 6.39 14.53 6.67
CA ASP A 170 6.29 14.28 5.24
C ASP A 170 6.77 12.87 4.94
N ARG A 171 7.41 12.25 5.93
CA ARG A 171 7.94 10.90 5.82
C ARG A 171 6.98 9.86 5.25
N GLU A 172 5.67 10.11 5.31
CA GLU A 172 4.73 9.12 4.81
C GLU A 172 4.08 9.47 3.46
N ARG A 173 4.03 10.76 3.12
CA ARG A 173 3.44 11.17 1.85
C ARG A 173 4.43 10.76 0.76
N VAL A 174 5.64 11.32 0.88
CA VAL A 174 6.69 11.08 -0.07
C VAL A 174 6.87 9.59 -0.35
N HIS A 175 7.02 8.77 0.68
CA HIS A 175 7.16 7.34 0.44
C HIS A 175 5.98 6.86 -0.41
N SER A 176 4.77 7.06 0.10
CA SER A 176 3.56 6.65 -0.57
C SER A 176 3.49 7.16 -2.01
N TRP A 177 4.16 8.26 -2.32
CA TRP A 177 4.15 8.76 -3.69
C TRP A 177 5.22 8.10 -4.53
N THR A 178 6.28 7.64 -3.87
CA THR A 178 7.36 6.99 -4.59
C THR A 178 6.87 5.64 -5.09
N ARG A 179 5.66 5.66 -5.65
CA ARG A 179 5.03 4.48 -6.22
C ARG A 179 4.95 4.66 -7.72
N GLN A 180 6.02 5.22 -8.28
CA GLN A 180 6.12 5.41 -9.71
C GLN A 180 6.73 4.08 -10.10
N ILE A 181 7.52 3.52 -9.19
CA ILE A 181 8.16 2.24 -9.41
C ILE A 181 7.05 1.22 -9.57
N ILE A 182 6.22 1.10 -8.53
CA ILE A 182 5.09 0.18 -8.56
C ILE A 182 5.56 -1.27 -8.64
N SER A 183 4.59 -2.17 -8.70
CA SER A 183 4.87 -3.59 -8.85
C SER A 183 5.38 -3.67 -10.29
N THR A 184 4.62 -3.02 -11.17
CA THR A 184 4.91 -2.91 -12.60
C THR A 184 4.48 -1.49 -12.99
N SER A 185 3.18 -1.30 -13.23
CA SER A 185 2.65 0.01 -13.58
C SER A 185 1.25 0.19 -13.00
N GLY A 186 1.13 1.07 -12.01
CA GLY A 186 -0.16 1.32 -11.40
C GLY A 186 -1.18 1.74 -12.45
N GLY A 187 -0.72 2.33 -13.54
CA GLY A 187 -1.64 2.76 -14.57
C GLY A 187 -1.22 4.06 -15.21
N ALA A 188 -1.63 4.26 -16.47
CA ALA A 188 -1.31 5.45 -17.24
C ALA A 188 -1.56 6.77 -16.50
N GLU A 189 -2.72 6.87 -15.82
CA GLU A 189 -3.05 8.06 -15.06
C GLU A 189 -2.84 7.72 -13.59
N ALA A 190 -2.42 6.47 -13.35
CA ALA A 190 -2.16 6.00 -12.02
C ALA A 190 -0.97 6.74 -11.43
N ALA A 191 0.24 6.27 -11.73
CA ALA A 191 1.44 6.92 -11.23
C ALA A 191 1.54 8.36 -11.74
N GLU A 192 0.58 8.78 -12.54
CA GLU A 192 0.57 10.14 -13.07
C GLU A 192 0.37 11.15 -11.97
N ARG A 193 -0.76 11.08 -11.28
CA ARG A 193 -1.03 12.02 -10.19
C ARG A 193 0.08 11.90 -9.16
N ALA A 194 0.51 10.67 -8.92
CA ALA A 194 1.57 10.35 -7.97
C ALA A 194 2.86 11.10 -8.29
N LYS A 195 3.29 11.06 -9.54
CA LYS A 195 4.50 11.76 -9.94
C LYS A 195 4.17 13.26 -9.92
N ARG A 196 2.89 13.58 -10.04
CA ARG A 196 2.43 14.95 -10.02
C ARG A 196 2.35 15.44 -8.58
N GLY A 197 2.37 14.49 -7.66
CA GLY A 197 2.31 14.84 -6.25
C GLY A 197 3.71 15.13 -5.75
N LEU A 198 4.57 14.12 -5.82
CA LEU A 198 5.94 14.27 -5.38
C LEU A 198 6.53 15.54 -5.95
N TYR A 199 6.52 15.66 -7.28
CA TYR A 199 7.06 16.83 -7.97
C TYR A 199 6.46 18.14 -7.44
N GLY A 200 5.16 18.14 -7.17
CA GLY A 200 4.56 19.35 -6.65
C GLY A 200 5.18 19.61 -5.29
N TRP A 201 5.03 18.64 -4.40
CA TRP A 201 5.58 18.73 -3.06
C TRP A 201 6.99 19.26 -3.06
N ILE A 202 7.81 18.76 -3.98
CA ILE A 202 9.22 19.14 -4.12
C ILE A 202 9.40 20.63 -4.39
N THR A 203 8.59 21.16 -5.32
CA THR A 203 8.65 22.58 -5.63
C THR A 203 8.29 23.32 -4.36
N GLU A 204 7.15 22.94 -3.77
CA GLU A 204 6.68 23.53 -2.52
C GLU A 204 7.85 23.56 -1.53
N THR A 205 8.48 22.40 -1.37
CA THR A 205 9.61 22.28 -0.46
C THR A 205 10.70 23.26 -0.87
N VAL A 206 11.38 22.96 -1.96
CA VAL A 206 12.45 23.81 -2.44
C VAL A 206 12.18 25.30 -2.31
N ARG A 207 10.93 25.71 -2.58
CA ARG A 207 10.54 27.12 -2.48
C ARG A 207 10.78 27.65 -1.07
N ALA A 208 10.42 26.85 -0.07
CA ALA A 208 10.69 27.22 1.29
C ALA A 208 12.19 26.99 1.27
N ARG A 209 12.73 26.25 2.24
CA ARG A 209 14.17 25.92 2.30
C ARG A 209 15.15 26.85 1.59
N ALA A 210 14.70 28.00 1.13
CA ALA A 210 15.55 28.96 0.45
C ALA A 210 16.43 29.60 1.53
N GLY A 211 17.72 29.74 1.25
CA GLY A 211 18.61 30.32 2.24
C GLY A 211 18.48 29.53 3.52
N SER A 212 19.28 28.48 3.66
CA SER A 212 19.25 27.63 4.84
C SER A 212 20.42 26.66 4.77
N GLU A 213 21.08 26.42 5.90
CA GLU A 213 22.22 25.49 5.90
C GLU A 213 21.75 24.07 5.64
N GLY A 214 22.22 23.13 6.46
CA GLY A 214 21.81 21.74 6.30
C GLY A 214 22.23 21.10 4.99
N GLY A 215 23.09 20.07 5.08
CA GLY A 215 23.57 19.37 3.90
C GLY A 215 22.41 18.68 3.25
N ASP A 216 21.28 18.76 3.94
CA ASP A 216 20.02 18.22 3.50
C ASP A 216 19.85 18.60 2.02
N VAL A 217 19.63 17.62 1.15
CA VAL A 217 19.50 17.88 -0.29
C VAL A 217 18.44 18.91 -0.67
N TYR A 218 17.28 18.86 -0.04
CA TYR A 218 16.25 19.86 -0.38
C TYR A 218 16.63 21.23 0.15
N SER A 219 17.45 21.27 1.19
CA SER A 219 17.89 22.52 1.78
C SER A 219 18.93 23.14 0.88
N MET A 220 19.98 22.39 0.57
CA MET A 220 21.03 22.90 -0.31
C MET A 220 20.43 23.40 -1.61
N LEU A 221 19.60 22.57 -2.23
CA LEU A 221 18.96 22.94 -3.49
C LEU A 221 18.11 24.19 -3.33
N GLY A 222 17.18 24.16 -2.37
CA GLY A 222 16.33 25.29 -2.12
C GLY A 222 17.07 26.55 -1.73
N ALA A 223 18.31 26.41 -1.24
CA ALA A 223 19.12 27.55 -0.85
C ALA A 223 19.85 28.01 -2.10
N ALA A 224 20.11 27.07 -3.00
CA ALA A 224 20.79 27.36 -4.24
C ALA A 224 19.83 28.12 -5.14
N VAL A 225 18.55 27.80 -5.04
CA VAL A 225 17.56 28.48 -5.85
C VAL A 225 17.48 29.88 -5.29
N GLY A 226 17.76 29.98 -4.00
CA GLY A 226 17.72 31.28 -3.33
C GLY A 226 18.74 32.17 -3.98
N ARG A 227 19.96 31.66 -4.08
CA ARG A 227 21.06 32.39 -4.69
C ARG A 227 20.96 32.32 -6.22
N GLY A 228 19.87 31.71 -6.71
CA GLY A 228 19.65 31.58 -8.14
C GLY A 228 20.68 30.75 -8.89
N GLU A 229 21.51 29.99 -8.17
CA GLU A 229 22.56 29.16 -8.78
C GLU A 229 22.05 27.95 -9.54
N VAL A 230 20.79 27.61 -9.32
CA VAL A 230 20.19 26.47 -10.00
C VAL A 230 18.71 26.75 -10.05
N GLY A 231 18.36 28.01 -9.83
CA GLY A 231 16.98 28.46 -9.84
C GLY A 231 15.90 27.48 -10.27
N GLU A 232 14.71 27.60 -9.68
CA GLU A 232 13.58 26.73 -9.97
C GLU A 232 13.47 26.36 -11.44
N THR A 233 12.45 25.57 -11.77
CA THR A 233 12.22 25.12 -13.14
C THR A 233 13.33 24.11 -13.50
N GLU A 234 14.31 24.01 -12.62
CA GLU A 234 15.40 23.08 -12.77
C GLU A 234 15.31 22.22 -11.51
N ALA A 235 14.72 22.77 -10.45
CA ALA A 235 14.65 22.02 -9.20
C ALA A 235 14.01 20.64 -9.30
N VAL A 236 12.73 20.61 -9.63
CA VAL A 236 12.00 19.35 -9.73
C VAL A 236 12.52 18.43 -10.83
N GLY A 237 13.56 18.89 -11.53
CA GLY A 237 14.14 18.10 -12.59
C GLY A 237 15.45 17.49 -12.13
N LEU A 238 16.08 18.16 -11.18
CA LEU A 238 17.34 17.70 -10.62
C LEU A 238 17.09 16.74 -9.46
N ALA A 239 16.26 17.18 -8.50
CA ALA A 239 15.97 16.37 -7.34
C ALA A 239 15.03 15.23 -7.69
N GLY A 240 14.17 15.46 -8.67
CA GLY A 240 13.22 14.45 -9.07
C GLY A 240 13.83 13.05 -9.09
N PRO A 241 14.82 12.81 -9.98
CA PRO A 241 15.54 11.54 -10.18
C PRO A 241 16.26 11.04 -8.92
N LEU A 242 16.88 11.96 -8.21
CA LEU A 242 17.60 11.61 -7.01
C LEU A 242 16.64 11.02 -5.98
N GLN A 243 15.41 11.53 -5.91
CA GLN A 243 14.45 11.02 -4.95
C GLN A 243 13.98 9.61 -5.26
N ILE A 244 13.66 9.38 -6.53
CA ILE A 244 13.15 8.10 -7.04
C ILE A 244 14.23 7.05 -7.23
N GLY A 245 15.48 7.51 -7.22
CA GLY A 245 16.63 6.64 -7.41
C GLY A 245 16.76 5.36 -6.61
N GLY A 246 16.29 5.36 -5.37
CA GLY A 246 16.38 4.16 -4.56
C GLY A 246 15.86 2.94 -5.31
N GLU A 247 14.97 3.18 -6.25
CA GLU A 247 14.37 2.16 -7.10
C GLU A 247 15.39 1.18 -7.67
N ALA A 248 16.52 1.70 -8.12
CA ALA A 248 17.57 0.87 -8.68
C ALA A 248 18.15 -0.16 -7.68
N VAL A 249 18.38 0.26 -6.44
CA VAL A 249 18.93 -0.64 -5.43
C VAL A 249 17.92 -1.75 -5.16
N THR A 250 16.65 -1.37 -5.16
CA THR A 250 15.54 -2.29 -4.93
C THR A 250 15.47 -3.41 -5.95
N HIS A 251 16.00 -3.18 -7.15
CA HIS A 251 15.94 -4.20 -8.19
C HIS A 251 17.27 -4.90 -8.38
N ASN A 252 18.35 -4.16 -8.21
CA ASN A 252 19.66 -4.75 -8.38
C ASN A 252 19.93 -5.72 -7.24
N VAL A 253 19.63 -5.32 -6.00
CA VAL A 253 19.85 -6.18 -4.85
C VAL A 253 18.84 -7.32 -4.92
N GLY A 254 17.71 -7.06 -5.55
CA GLY A 254 16.70 -8.07 -5.71
C GLY A 254 17.30 -9.17 -6.57
N GLN A 255 18.17 -8.78 -7.49
CA GLN A 255 18.81 -9.76 -8.37
C GLN A 255 19.98 -10.44 -7.66
N MET A 256 20.76 -9.68 -6.92
CA MET A 256 21.89 -10.27 -6.20
C MET A 256 21.31 -11.39 -5.35
N LEU A 257 20.24 -11.08 -4.64
CA LEU A 257 19.57 -12.06 -3.81
C LEU A 257 19.07 -13.21 -4.66
N TYR A 258 18.40 -12.91 -5.77
CA TYR A 258 17.89 -13.99 -6.60
C TYR A 258 18.98 -14.97 -7.00
N LEU A 259 20.15 -14.48 -7.44
CA LEU A 259 21.22 -15.41 -7.83
C LEU A 259 21.69 -16.19 -6.59
N LEU A 260 21.97 -15.48 -5.50
CA LEU A 260 22.36 -16.13 -4.27
C LEU A 260 21.35 -17.23 -3.89
N LEU A 261 20.06 -16.89 -4.00
CA LEU A 261 18.98 -17.83 -3.64
C LEU A 261 18.66 -18.96 -4.61
N THR A 262 19.31 -18.99 -5.78
CA THR A 262 19.07 -20.06 -6.75
C THR A 262 20.36 -20.72 -7.17
N ARG A 263 21.48 -20.22 -6.69
CA ARG A 263 22.77 -20.81 -7.02
C ARG A 263 23.57 -21.07 -5.75
N ARG A 264 23.32 -22.22 -5.15
CA ARG A 264 23.96 -22.59 -3.91
C ARG A 264 25.47 -22.38 -3.87
N GLU A 265 26.12 -22.40 -5.03
CA GLU A 265 27.56 -22.18 -5.02
C GLU A 265 27.86 -20.76 -4.57
N LEU A 266 27.02 -19.81 -4.98
CA LEU A 266 27.19 -18.40 -4.61
C LEU A 266 26.84 -18.13 -3.14
N MET A 267 25.69 -18.61 -2.71
CA MET A 267 25.24 -18.43 -1.34
C MET A 267 26.30 -19.02 -0.40
N ALA A 268 26.86 -20.16 -0.82
CA ALA A 268 27.88 -20.84 -0.04
C ALA A 268 28.98 -19.83 0.30
N ARG A 269 29.58 -19.24 -0.74
CA ARG A 269 30.64 -18.26 -0.59
C ARG A 269 30.15 -17.11 0.27
N MET A 270 29.08 -16.46 -0.18
CA MET A 270 28.49 -15.34 0.54
C MET A 270 28.39 -15.65 2.04
N ARG A 271 28.13 -16.91 2.37
CA ARG A 271 28.01 -17.29 3.78
C ARG A 271 29.23 -17.92 4.44
N GLU A 272 29.89 -18.85 3.75
CA GLU A 272 31.04 -19.50 4.36
C GLU A 272 32.22 -18.60 4.66
N ARG A 273 32.13 -17.33 4.28
CA ARG A 273 33.21 -16.44 4.61
C ARG A 273 32.79 -15.01 4.40
N PRO A 274 31.96 -14.49 5.32
CA PRO A 274 31.47 -13.12 5.24
C PRO A 274 32.67 -12.24 5.46
N GLY A 275 32.47 -10.93 5.43
CA GLY A 275 33.62 -10.07 5.58
C GLY A 275 34.57 -10.59 4.54
N ALA A 276 34.11 -10.49 3.29
CA ALA A 276 34.82 -10.92 2.10
C ALA A 276 33.77 -10.82 0.99
N ARG A 277 32.60 -10.33 1.37
CA ARG A 277 31.49 -10.14 0.45
C ARG A 277 31.80 -8.90 -0.39
N GLY A 278 32.91 -8.27 -0.09
CA GLY A 278 33.30 -7.06 -0.81
C GLY A 278 33.53 -7.23 -2.29
N THR A 279 34.32 -8.22 -2.67
CA THR A 279 34.59 -8.46 -4.10
C THR A 279 33.41 -9.21 -4.69
N ALA A 280 32.75 -10.02 -3.85
CA ALA A 280 31.60 -10.79 -4.27
C ALA A 280 30.51 -9.84 -4.71
N LEU A 281 30.31 -8.78 -3.93
CA LEU A 281 29.28 -7.80 -4.27
C LEU A 281 29.68 -7.04 -5.51
N ASP A 282 30.99 -6.97 -5.78
CA ASP A 282 31.43 -6.30 -6.99
C ASP A 282 31.13 -7.18 -8.17
N GLU A 283 31.37 -8.49 -8.01
CA GLU A 283 31.13 -9.45 -9.07
C GLU A 283 29.67 -9.43 -9.46
N LEU A 284 28.79 -9.55 -8.48
CA LEU A 284 27.37 -9.52 -8.79
C LEU A 284 27.05 -8.25 -9.59
N LEU A 285 27.54 -7.12 -9.10
CA LEU A 285 27.32 -5.82 -9.71
C LEU A 285 27.68 -5.76 -11.18
N ARG A 286 28.83 -6.32 -11.54
CA ARG A 286 29.29 -6.34 -12.92
C ARG A 286 28.43 -7.22 -13.80
N TRP A 287 28.25 -8.46 -13.36
CA TRP A 287 27.51 -9.51 -14.07
C TRP A 287 26.01 -9.30 -14.31
N ILE A 288 25.32 -8.72 -13.34
CA ILE A 288 23.88 -8.49 -13.44
C ILE A 288 23.45 -7.53 -14.55
N SER A 289 22.46 -7.94 -15.34
CA SER A 289 21.94 -7.13 -16.43
C SER A 289 20.89 -6.18 -15.83
N HIS A 290 21.38 -5.09 -15.27
CA HIS A 290 20.56 -4.11 -14.61
C HIS A 290 19.37 -3.59 -15.42
N ARG A 291 19.60 -3.02 -16.60
CA ARG A 291 18.49 -2.48 -17.40
C ARG A 291 18.15 -3.37 -18.59
N THR A 292 16.97 -3.17 -19.17
CA THR A 292 16.56 -4.03 -20.29
C THR A 292 17.23 -3.80 -21.63
N SER A 293 17.83 -2.63 -21.85
CA SER A 293 18.50 -2.42 -23.14
C SER A 293 19.67 -1.46 -22.99
N VAL A 294 19.64 -0.37 -23.75
CA VAL A 294 20.67 0.64 -23.65
C VAL A 294 19.91 1.87 -23.17
N GLY A 295 20.56 2.69 -22.35
CA GLY A 295 19.91 3.88 -21.81
C GLY A 295 19.78 5.06 -22.76
N LEU A 296 20.18 6.24 -22.30
CA LEU A 296 20.12 7.44 -23.14
C LEU A 296 21.34 7.41 -24.06
N ALA A 297 21.22 8.03 -25.21
CA ALA A 297 22.34 8.03 -26.13
C ALA A 297 23.12 9.31 -25.95
N ARG A 298 24.16 9.44 -26.77
CA ARG A 298 25.01 10.62 -26.79
C ARG A 298 25.07 10.97 -28.27
N ILE A 299 25.02 12.25 -28.58
CA ILE A 299 25.07 12.67 -29.97
C ILE A 299 26.50 13.05 -30.32
N ALA A 300 26.97 12.54 -31.46
CA ALA A 300 28.33 12.85 -31.91
C ALA A 300 28.30 14.32 -32.32
N LEU A 301 29.18 15.11 -31.72
CA LEU A 301 29.21 16.54 -32.00
C LEU A 301 30.09 16.99 -33.16
N GLU A 302 30.94 16.10 -33.67
CA GLU A 302 31.83 16.49 -34.76
C GLU A 302 32.66 15.38 -35.38
N ASP A 303 32.05 14.48 -36.13
CA ASP A 303 32.79 13.39 -36.77
C ASP A 303 33.91 12.81 -35.93
N VAL A 304 33.68 11.67 -35.29
CA VAL A 304 34.69 10.99 -34.49
C VAL A 304 35.03 9.65 -35.16
N GLU A 305 36.27 9.18 -35.00
CA GLU A 305 36.70 7.93 -35.64
C GLU A 305 36.61 6.73 -34.71
N VAL A 306 35.54 6.68 -33.91
CA VAL A 306 35.33 5.58 -32.97
C VAL A 306 35.78 4.21 -33.53
N HIS A 307 36.76 3.63 -32.85
CA HIS A 307 37.32 2.33 -33.24
C HIS A 307 37.39 2.10 -34.73
N GLY A 308 38.11 2.98 -35.43
CA GLY A 308 38.25 2.85 -36.86
C GLY A 308 36.93 2.84 -37.59
N THR A 309 36.11 3.86 -37.33
CA THR A 309 34.82 3.99 -37.99
C THR A 309 34.39 5.44 -37.91
N ARG A 310 34.19 6.03 -39.07
CA ARG A 310 33.83 7.42 -39.14
C ARG A 310 32.38 7.71 -38.75
N ILE A 311 32.20 8.12 -37.50
CA ILE A 311 30.87 8.49 -37.03
C ILE A 311 30.75 9.97 -37.37
N ALA A 312 29.75 10.32 -38.17
CA ALA A 312 29.55 11.70 -38.58
C ALA A 312 28.95 12.51 -37.47
N ALA A 313 29.01 13.83 -37.60
CA ALA A 313 28.42 14.73 -36.60
C ALA A 313 26.92 14.49 -36.70
N GLY A 314 26.18 14.85 -35.64
CA GLY A 314 24.74 14.66 -35.65
C GLY A 314 24.30 13.22 -35.39
N GLU A 315 25.16 12.25 -35.70
CA GLU A 315 24.82 10.86 -35.45
C GLU A 315 24.80 10.52 -33.96
N PRO A 316 23.82 9.73 -33.51
CA PRO A 316 23.67 9.33 -32.11
C PRO A 316 24.41 8.03 -31.87
N VAL A 317 24.92 7.86 -30.66
CA VAL A 317 25.63 6.66 -30.29
C VAL A 317 25.20 6.20 -28.91
N TYR A 318 25.14 4.89 -28.72
CA TYR A 318 24.76 4.31 -27.44
C TYR A 318 25.93 3.51 -26.92
N VAL A 319 25.85 3.11 -25.66
CA VAL A 319 26.87 2.31 -25.05
C VAL A 319 26.16 1.28 -24.19
N SER A 320 26.67 0.05 -24.19
CA SER A 320 26.11 -1.01 -23.39
C SER A 320 27.14 -1.39 -22.34
N TYR A 321 27.02 -0.79 -21.15
CA TYR A 321 27.93 -1.10 -20.07
C TYR A 321 27.81 -2.59 -19.80
N LEU A 322 26.56 -3.08 -19.87
CA LEU A 322 26.26 -4.49 -19.65
C LEU A 322 27.23 -5.31 -20.48
N ALA A 323 27.27 -5.05 -21.78
CA ALA A 323 28.18 -5.75 -22.70
C ALA A 323 29.63 -5.37 -22.38
N ALA A 324 29.84 -4.09 -22.07
CA ALA A 324 31.16 -3.59 -21.75
C ALA A 324 31.72 -4.42 -20.61
N ASN A 325 30.88 -4.69 -19.62
CA ASN A 325 31.27 -5.46 -18.46
C ASN A 325 31.60 -6.89 -18.80
N ARG A 326 31.32 -7.32 -20.03
CA ARG A 326 31.63 -8.69 -20.44
C ARG A 326 32.83 -8.80 -21.41
N ASP A 327 33.56 -7.69 -21.58
CA ASP A 327 34.69 -7.67 -22.49
C ASP A 327 35.78 -8.65 -22.03
N PRO A 328 36.00 -9.72 -22.81
CA PRO A 328 37.00 -10.77 -22.53
C PRO A 328 38.42 -10.24 -22.36
N ASP A 329 38.69 -9.11 -23.00
CA ASP A 329 40.01 -8.50 -22.90
C ASP A 329 40.20 -8.01 -21.46
N VAL A 330 39.15 -7.37 -20.92
CA VAL A 330 39.18 -6.84 -19.56
C VAL A 330 38.82 -7.86 -18.49
N PHE A 331 37.79 -8.65 -18.75
CA PHE A 331 37.36 -9.66 -17.78
C PHE A 331 37.46 -11.07 -18.33
N PRO A 332 38.62 -11.72 -18.08
CA PRO A 332 38.85 -13.08 -18.55
C PRO A 332 37.67 -13.95 -18.11
N ASP A 333 37.17 -14.78 -19.02
CA ASP A 333 36.05 -15.66 -18.72
C ASP A 333 34.92 -14.79 -18.22
N PRO A 334 34.56 -13.77 -19.00
CA PRO A 334 33.50 -12.79 -18.72
C PRO A 334 32.15 -13.32 -18.23
N ASP A 335 31.64 -14.37 -18.85
CA ASP A 335 30.34 -14.87 -18.45
C ASP A 335 30.27 -15.66 -17.17
N ARG A 336 31.40 -16.04 -16.59
CA ARG A 336 31.38 -16.77 -15.31
C ARG A 336 31.30 -15.81 -14.13
N ILE A 337 30.42 -16.09 -13.17
CA ILE A 337 30.34 -15.24 -11.99
C ILE A 337 31.50 -15.73 -11.13
N ASP A 338 32.30 -14.83 -10.56
CA ASP A 338 33.45 -15.28 -9.78
C ASP A 338 33.45 -14.92 -8.30
N LEU A 339 32.89 -13.77 -7.94
CA LEU A 339 32.87 -13.34 -6.54
C LEU A 339 34.26 -13.09 -5.92
N ASP A 340 35.31 -13.57 -6.57
CA ASP A 340 36.69 -13.40 -6.09
C ASP A 340 37.60 -12.69 -7.09
N ARG A 341 37.05 -11.91 -8.00
CA ARG A 341 37.87 -11.22 -9.00
C ARG A 341 38.94 -10.26 -8.48
N ASP A 342 40.00 -10.13 -9.29
CA ASP A 342 41.16 -9.26 -9.06
C ASP A 342 40.65 -7.84 -8.78
N PRO A 343 41.20 -6.82 -9.47
CA PRO A 343 40.58 -5.52 -9.14
C PRO A 343 39.15 -5.37 -9.73
N ASN A 344 38.86 -6.11 -10.81
CA ASN A 344 37.55 -6.05 -11.45
C ASN A 344 37.02 -4.62 -11.57
N PRO A 345 37.48 -3.88 -12.58
CA PRO A 345 37.08 -2.49 -12.84
C PRO A 345 35.79 -2.41 -13.63
N HIS A 346 34.72 -2.99 -13.11
CA HIS A 346 33.45 -2.98 -13.83
C HIS A 346 32.92 -1.57 -14.04
N LEU A 347 31.83 -1.45 -14.78
CA LEU A 347 31.26 -0.15 -15.10
C LEU A 347 29.77 -0.03 -14.82
N ALA A 348 29.27 -0.82 -13.89
CA ALA A 348 27.86 -0.77 -13.61
C ALA A 348 27.32 0.63 -13.34
N TYR A 349 28.12 1.49 -12.71
CA TYR A 349 27.63 2.83 -12.39
C TYR A 349 27.82 3.87 -13.48
N GLY A 350 28.19 3.42 -14.67
CA GLY A 350 28.38 4.35 -15.76
C GLY A 350 29.80 4.84 -15.93
N ASN A 351 29.95 5.98 -16.60
CA ASN A 351 31.25 6.55 -16.82
C ASN A 351 31.21 7.95 -17.40
N GLY A 352 32.26 8.71 -17.15
CA GLY A 352 32.31 10.09 -17.64
C GLY A 352 31.60 10.93 -16.61
N HIS A 353 31.49 12.24 -16.85
CA HIS A 353 30.84 13.08 -15.87
C HIS A 353 29.36 12.75 -15.67
N HIS A 354 28.90 11.67 -16.29
CA HIS A 354 27.51 11.24 -16.14
C HIS A 354 27.47 9.95 -15.31
N PHE A 355 28.54 9.73 -14.56
CA PHE A 355 28.68 8.59 -13.66
C PHE A 355 27.56 8.69 -12.64
N CYS A 356 27.14 7.55 -12.10
CA CYS A 356 26.05 7.50 -11.12
C CYS A 356 26.27 8.38 -9.88
N THR A 357 25.35 9.32 -9.66
CA THR A 357 25.41 10.23 -8.52
C THR A 357 25.22 9.49 -7.19
N GLY A 358 24.50 8.37 -7.24
CA GLY A 358 24.26 7.62 -6.03
C GLY A 358 25.10 6.38 -5.84
N ALA A 359 26.01 6.09 -6.77
CA ALA A 359 26.84 4.88 -6.67
C ALA A 359 27.36 4.56 -5.25
N VAL A 360 27.96 5.54 -4.59
CA VAL A 360 28.46 5.34 -3.24
C VAL A 360 27.31 5.08 -2.24
N LEU A 361 26.23 5.84 -2.34
CA LEU A 361 25.07 5.66 -1.46
C LEU A 361 24.38 4.35 -1.79
N ALA A 362 24.39 3.97 -3.05
CA ALA A 362 23.76 2.73 -3.47
C ALA A 362 24.54 1.58 -2.86
N ARG A 363 25.85 1.64 -2.95
CA ARG A 363 26.66 0.57 -2.41
C ARG A 363 26.41 0.37 -0.93
N MET A 364 26.26 1.46 -0.20
CA MET A 364 26.04 1.37 1.23
C MET A 364 24.72 0.64 1.54
N GLN A 365 23.67 0.93 0.76
CA GLN A 365 22.38 0.28 0.97
C GLN A 365 22.49 -1.17 0.58
N THR A 366 23.36 -1.46 -0.38
CA THR A 366 23.56 -2.82 -0.84
C THR A 366 24.34 -3.61 0.17
N GLU A 367 25.30 -2.96 0.81
CA GLU A 367 26.12 -3.62 1.79
C GLU A 367 25.33 -3.86 3.06
N LEU A 368 24.30 -3.05 3.30
CA LEU A 368 23.48 -3.25 4.48
C LEU A 368 22.48 -4.36 4.21
N LEU A 369 21.84 -4.29 3.05
CA LEU A 369 20.86 -5.32 2.69
C LEU A 369 21.42 -6.72 2.79
N VAL A 370 22.42 -7.04 1.96
CA VAL A 370 23.03 -8.37 1.96
C VAL A 370 23.55 -8.83 3.33
N ASP A 371 24.36 -8.01 3.98
CA ASP A 371 24.91 -8.35 5.28
C ASP A 371 23.84 -8.60 6.32
N THR A 372 22.92 -7.64 6.45
CA THR A 372 21.86 -7.71 7.43
C THR A 372 20.84 -8.81 7.15
N LEU A 373 20.45 -8.95 5.89
CA LEU A 373 19.48 -9.98 5.57
C LEU A 373 20.07 -11.36 5.77
N LEU A 374 21.33 -11.53 5.44
CA LEU A 374 21.95 -12.84 5.61
C LEU A 374 22.17 -13.16 7.10
N GLU A 375 22.33 -12.12 7.91
CA GLU A 375 22.56 -12.23 9.36
C GLU A 375 21.30 -12.57 10.16
N ARG A 376 20.35 -11.64 10.21
CA ARG A 376 19.10 -11.81 10.96
C ARG A 376 18.07 -12.81 10.42
N LEU A 377 18.19 -13.18 9.14
CA LEU A 377 17.28 -14.17 8.57
C LEU A 377 18.05 -15.48 8.41
N PRO A 378 18.32 -16.14 9.54
CA PRO A 378 19.05 -17.40 9.58
C PRO A 378 18.57 -18.43 8.56
N GLY A 379 19.51 -19.05 7.86
CA GLY A 379 19.15 -20.04 6.87
C GLY A 379 18.05 -19.55 5.95
N LEU A 380 18.30 -18.40 5.34
CA LEU A 380 17.39 -17.75 4.42
C LEU A 380 17.34 -18.51 3.09
N ARG A 381 16.13 -18.82 2.64
CA ARG A 381 15.97 -19.53 1.37
C ARG A 381 14.60 -19.31 0.73
N LEU A 382 14.53 -19.56 -0.58
CA LEU A 382 13.30 -19.40 -1.34
C LEU A 382 12.19 -20.24 -0.74
N ALA A 383 10.99 -19.66 -0.71
CA ALA A 383 9.81 -20.32 -0.15
C ALA A 383 8.99 -20.96 -1.26
N VAL A 384 9.43 -20.75 -2.50
CA VAL A 384 8.79 -21.32 -3.68
C VAL A 384 9.85 -21.82 -4.65
N PRO A 385 9.42 -22.52 -5.71
CA PRO A 385 10.40 -23.01 -6.67
C PRO A 385 10.95 -21.83 -7.48
N ALA A 386 12.13 -22.00 -8.06
CA ALA A 386 12.72 -20.92 -8.84
C ALA A 386 11.80 -20.43 -9.97
N GLU A 387 11.05 -21.35 -10.57
CA GLU A 387 10.14 -21.03 -11.68
C GLU A 387 8.95 -20.22 -11.20
N GLN A 388 8.86 -20.03 -9.90
CA GLN A 388 7.74 -19.29 -9.37
C GLN A 388 7.99 -17.80 -9.31
N VAL A 389 9.26 -17.41 -9.30
CA VAL A 389 9.59 -15.99 -9.26
C VAL A 389 9.35 -15.37 -10.62
N ALA A 390 8.54 -14.30 -10.67
CA ALA A 390 8.25 -13.65 -11.93
C ALA A 390 9.12 -12.41 -12.05
N TRP A 391 9.34 -11.97 -13.28
CA TRP A 391 10.18 -10.81 -13.48
C TRP A 391 9.46 -9.62 -14.07
N ARG A 392 9.91 -8.44 -13.69
CA ARG A 392 9.30 -7.22 -14.16
C ARG A 392 9.29 -7.20 -15.69
N ARG A 393 8.17 -6.81 -16.27
CA ARG A 393 8.11 -6.76 -17.72
C ARG A 393 7.95 -5.34 -18.22
N LYS A 394 8.45 -5.12 -19.42
CA LYS A 394 8.36 -3.82 -20.07
C LYS A 394 8.76 -2.67 -19.15
N THR A 395 10.05 -2.59 -18.86
CA THR A 395 10.57 -1.54 -18.00
C THR A 395 12.09 -1.40 -18.13
N MET A 396 12.59 -0.21 -17.82
CA MET A 396 14.02 0.07 -17.92
C MET A 396 14.87 -0.85 -17.06
N ILE A 397 14.54 -0.95 -15.77
CA ILE A 397 15.30 -1.82 -14.87
C ILE A 397 14.73 -3.22 -14.73
N ARG A 398 15.59 -4.19 -14.99
CA ARG A 398 15.21 -5.59 -14.88
C ARG A 398 15.20 -6.01 -13.41
N GLY A 399 14.33 -6.95 -13.07
CA GLY A 399 14.26 -7.40 -11.70
C GLY A 399 13.12 -8.37 -11.37
N PRO A 400 13.26 -9.11 -10.26
CA PRO A 400 12.27 -10.08 -9.80
C PRO A 400 11.03 -9.31 -9.40
N ARG A 401 9.85 -9.85 -9.69
CA ARG A 401 8.62 -9.16 -9.32
C ARG A 401 8.32 -9.29 -7.84
N THR A 402 8.80 -10.37 -7.24
CA THR A 402 8.62 -10.62 -5.81
C THR A 402 9.69 -11.61 -5.41
N LEU A 403 9.80 -11.89 -4.12
CA LEU A 403 10.77 -12.86 -3.61
C LEU A 403 10.23 -13.53 -2.36
N PRO A 404 9.53 -14.66 -2.52
CA PRO A 404 9.02 -15.32 -1.31
C PRO A 404 10.17 -16.08 -0.68
N CYS A 405 10.51 -15.71 0.55
CA CYS A 405 11.59 -16.39 1.25
C CYS A 405 11.11 -16.88 2.59
N THR A 406 11.86 -17.78 3.18
CA THR A 406 11.54 -18.33 4.47
C THR A 406 12.84 -18.40 5.27
N TRP A 407 12.75 -18.68 6.56
CA TRP A 407 13.94 -18.72 7.42
C TRP A 407 13.64 -19.36 8.76
N HIS A 408 14.67 -19.87 9.42
CA HIS A 408 14.46 -20.52 10.71
C HIS A 408 13.70 -19.64 11.68
N HIS A 409 12.54 -20.11 12.11
CA HIS A 409 11.71 -19.37 13.06
C HIS A 409 11.47 -20.19 14.32
N PRO B 13 -14.17 27.55 -5.80
CA PRO B 13 -12.98 26.94 -5.12
C PRO B 13 -13.20 26.77 -3.62
N PRO B 14 -14.04 25.80 -3.21
CA PRO B 14 -14.26 25.63 -1.76
C PRO B 14 -12.95 25.24 -1.08
N PRO B 15 -12.28 26.21 -0.44
CA PRO B 15 -11.02 25.88 0.23
C PRO B 15 -11.07 24.54 0.97
N VAL B 16 -10.28 23.58 0.51
CA VAL B 16 -10.24 22.27 1.12
C VAL B 16 -10.24 22.37 2.63
N ARG B 17 -11.22 21.74 3.25
CA ARG B 17 -11.31 21.73 4.70
C ARG B 17 -10.46 20.61 5.23
N ASP B 18 -10.04 20.71 6.48
CA ASP B 18 -9.22 19.68 7.08
C ASP B 18 -10.08 18.93 8.10
N TRP B 19 -10.18 17.63 7.94
CA TRP B 19 -10.98 16.80 8.84
C TRP B 19 -10.09 15.77 9.52
N PRO B 20 -9.39 16.19 10.59
CA PRO B 20 -8.49 15.35 11.37
C PRO B 20 -9.16 14.09 11.88
N ALA B 21 -8.38 13.25 12.56
CA ALA B 21 -8.87 12.00 13.11
C ALA B 21 -10.14 12.19 13.93
N LEU B 22 -10.00 12.01 15.23
CA LEU B 22 -11.09 12.13 16.18
C LEU B 22 -10.62 11.53 17.51
N ASP B 23 -10.34 12.41 18.46
CA ASP B 23 -9.90 11.97 19.77
C ASP B 23 -11.11 12.19 20.66
N LEU B 24 -12.30 12.00 20.09
CA LEU B 24 -13.54 12.17 20.83
C LEU B 24 -13.65 11.22 22.00
N ASP B 25 -13.98 11.79 23.17
CA ASP B 25 -14.14 11.01 24.39
C ASP B 25 -15.60 11.03 24.84
N GLY B 26 -16.43 10.30 24.12
CA GLY B 26 -17.85 10.22 24.42
C GLY B 26 -18.58 9.77 23.17
N PRO B 27 -19.92 9.73 23.20
CA PRO B 27 -20.70 9.31 22.02
C PRO B 27 -21.02 10.53 21.17
N GLU B 28 -20.43 11.66 21.55
CA GLU B 28 -20.60 12.93 20.87
C GLU B 28 -20.49 12.80 19.36
N PHE B 29 -21.33 13.53 18.63
CA PHE B 29 -21.29 13.52 17.17
C PHE B 29 -19.93 14.18 16.83
N ASP B 30 -19.43 14.05 15.59
CA ASP B 30 -18.16 14.69 15.28
C ASP B 30 -18.42 16.15 14.89
N PRO B 31 -17.93 17.10 15.71
CA PRO B 31 -18.08 18.55 15.50
C PRO B 31 -17.51 19.06 14.19
N VAL B 32 -16.37 18.51 13.78
CA VAL B 32 -15.74 18.93 12.52
C VAL B 32 -16.75 18.64 11.42
N LEU B 33 -17.36 17.46 11.54
CA LEU B 33 -18.37 17.02 10.60
C LEU B 33 -19.61 17.89 10.81
N ALA B 34 -19.86 18.25 12.05
CA ALA B 34 -21.01 19.10 12.33
C ALA B 34 -20.81 20.37 11.53
N GLU B 35 -19.57 20.90 11.55
CA GLU B 35 -19.24 22.11 10.82
C GLU B 35 -19.30 21.85 9.32
N LEU B 36 -18.61 20.82 8.85
CA LEU B 36 -18.61 20.48 7.43
C LEU B 36 -20.02 20.47 6.86
N MET B 37 -20.98 19.98 7.64
CA MET B 37 -22.39 19.89 7.21
C MET B 37 -23.07 21.24 6.95
N ARG B 38 -22.56 22.29 7.61
CA ARG B 38 -23.14 23.62 7.48
C ARG B 38 -22.69 24.35 6.21
N GLU B 39 -21.46 24.09 5.78
CA GLU B 39 -20.95 24.73 4.59
C GLU B 39 -21.89 24.53 3.42
N GLY B 40 -22.36 23.31 3.25
CA GLY B 40 -23.28 23.03 2.16
C GLY B 40 -23.36 21.57 1.80
N PRO B 41 -24.23 21.20 0.85
CA PRO B 41 -24.39 19.81 0.42
C PRO B 41 -23.07 19.19 -0.01
N LEU B 42 -22.23 20.00 -0.67
CA LEU B 42 -20.94 19.53 -1.14
C LEU B 42 -19.79 20.31 -0.53
N THR B 43 -18.72 19.59 -0.16
CA THR B 43 -17.54 20.21 0.44
C THR B 43 -16.29 19.42 0.07
N ARG B 44 -15.13 19.99 0.36
CA ARG B 44 -13.85 19.34 0.04
C ARG B 44 -13.05 19.15 1.29
N VAL B 45 -12.93 17.90 1.73
CA VAL B 45 -12.19 17.59 2.94
C VAL B 45 -10.86 16.93 2.62
N ARG B 46 -10.04 16.81 3.65
CA ARG B 46 -8.73 16.21 3.53
C ARG B 46 -8.58 15.30 4.75
N LEU B 47 -8.51 13.99 4.53
CA LEU B 47 -8.38 13.04 5.63
C LEU B 47 -6.92 12.76 6.01
N PRO B 48 -6.67 12.51 7.32
CA PRO B 48 -5.33 12.24 7.85
C PRO B 48 -4.34 11.58 6.89
N HIS B 49 -4.04 10.31 7.13
CA HIS B 49 -3.13 9.57 6.26
C HIS B 49 -3.68 9.61 4.83
N GLY B 50 -2.78 9.72 3.86
CA GLY B 50 -3.22 9.77 2.48
C GLY B 50 -2.72 11.04 1.80
N GLU B 51 -2.75 11.05 0.46
CA GLU B 51 -2.29 12.20 -0.30
C GLU B 51 -3.44 12.84 -1.08
N GLY B 52 -3.64 14.13 -0.89
CA GLY B 52 -4.69 14.84 -1.61
C GLY B 52 -6.01 15.04 -0.86
N TRP B 53 -7.00 15.56 -1.58
CA TRP B 53 -8.32 15.82 -1.04
C TRP B 53 -9.43 15.05 -1.79
N ALA B 54 -10.63 15.06 -1.20
CA ALA B 54 -11.79 14.37 -1.78
C ALA B 54 -13.07 15.16 -1.51
N TRP B 55 -14.12 14.82 -2.24
CA TRP B 55 -15.41 15.48 -2.06
C TRP B 55 -16.12 14.82 -0.88
N LEU B 56 -17.29 15.33 -0.53
CA LEU B 56 -18.06 14.78 0.58
C LEU B 56 -19.48 15.26 0.49
N ALA B 57 -20.42 14.32 0.41
CA ALA B 57 -21.82 14.66 0.35
C ALA B 57 -22.37 14.48 1.76
N THR B 58 -23.15 15.44 2.22
CA THR B 58 -23.69 15.39 3.56
C THR B 58 -25.21 15.22 3.61
N ARG B 59 -25.93 15.75 2.63
CA ARG B 59 -27.38 15.63 2.62
C ARG B 59 -27.83 14.22 2.27
N TYR B 60 -28.89 13.78 2.96
CA TYR B 60 -29.48 12.45 2.80
C TYR B 60 -29.61 12.01 1.33
N ASP B 61 -30.52 12.65 0.62
CA ASP B 61 -30.79 12.33 -0.77
C ASP B 61 -29.56 12.16 -1.68
N ASP B 62 -28.62 13.10 -1.61
CA ASP B 62 -27.40 13.03 -2.41
C ASP B 62 -26.64 11.75 -2.07
N VAL B 63 -26.56 11.42 -0.79
CA VAL B 63 -25.85 10.22 -0.37
C VAL B 63 -26.63 8.99 -0.77
N LYS B 64 -27.96 9.10 -0.75
CA LYS B 64 -28.85 8.00 -1.11
C LYS B 64 -28.97 7.98 -2.63
N ALA B 65 -27.95 8.51 -3.29
CA ALA B 65 -27.92 8.58 -4.74
C ALA B 65 -26.50 8.31 -5.25
N ILE B 66 -25.53 8.99 -4.65
CA ILE B 66 -24.16 8.81 -5.07
C ILE B 66 -23.85 7.35 -4.89
N THR B 67 -24.43 6.78 -3.84
CA THR B 67 -24.28 5.37 -3.49
C THR B 67 -25.10 4.49 -4.41
N ASN B 68 -26.09 5.09 -5.07
CA ASN B 68 -26.94 4.35 -5.98
C ASN B 68 -26.86 4.80 -7.43
N ASP B 69 -25.67 5.22 -7.86
CA ASP B 69 -25.48 5.67 -9.24
C ASP B 69 -24.24 5.04 -9.85
N PRO B 70 -24.45 4.11 -10.79
CA PRO B 70 -23.43 3.36 -11.53
C PRO B 70 -22.08 4.07 -11.72
N ARG B 71 -22.14 5.33 -12.11
CA ARG B 71 -20.96 6.13 -12.36
C ARG B 71 -19.93 6.32 -11.24
N PHE B 72 -20.08 5.62 -10.11
CA PHE B 72 -19.12 5.68 -8.99
C PHE B 72 -18.72 4.27 -8.61
N GLY B 73 -17.54 3.83 -9.05
CA GLY B 73 -17.08 2.49 -8.73
C GLY B 73 -16.38 2.35 -7.39
N ARG B 74 -16.06 1.13 -7.00
CA ARG B 74 -15.40 0.88 -5.72
C ARG B 74 -14.07 0.21 -5.98
N ALA B 75 -14.03 -0.63 -7.01
CA ALA B 75 -12.82 -1.36 -7.40
C ALA B 75 -11.71 -0.45 -7.89
N GLU B 76 -12.07 0.74 -8.35
CA GLU B 76 -11.08 1.70 -8.83
C GLU B 76 -10.18 2.12 -7.67
N VAL B 77 -10.81 2.35 -6.52
CA VAL B 77 -10.11 2.75 -5.30
C VAL B 77 -9.03 1.71 -4.98
N THR B 78 -9.20 0.50 -5.49
CA THR B 78 -8.25 -0.58 -5.28
C THR B 78 -6.97 -0.28 -6.04
N GLN B 79 -7.10 0.49 -7.12
CA GLN B 79 -5.95 0.88 -7.91
C GLN B 79 -5.66 2.33 -7.63
N ARG B 80 -5.57 2.67 -6.34
CA ARG B 80 -5.32 4.04 -5.90
C ARG B 80 -4.79 4.06 -4.47
N GLN B 81 -5.17 5.11 -3.74
CA GLN B 81 -4.77 5.30 -2.35
C GLN B 81 -5.37 6.61 -1.84
N PRO B 91 -6.92 -3.64 0.22
CA PRO B 91 -7.96 -4.63 -0.13
C PRO B 91 -7.36 -5.95 -0.62
N ARG B 92 -8.09 -7.04 -0.39
CA ARG B 92 -7.66 -8.37 -0.80
C ARG B 92 -8.68 -9.00 -1.75
N PRO B 93 -8.20 -9.65 -2.83
CA PRO B 93 -9.04 -10.29 -3.85
C PRO B 93 -10.22 -11.07 -3.27
N GLY B 94 -11.40 -10.48 -3.40
CA GLY B 94 -12.61 -11.09 -2.89
C GLY B 94 -13.23 -10.29 -1.75
N SER B 95 -13.01 -8.98 -1.74
CA SER B 95 -13.58 -8.12 -0.70
C SER B 95 -14.82 -7.40 -1.19
N LEU B 96 -15.98 -7.79 -0.69
CA LEU B 96 -17.24 -7.15 -1.06
C LEU B 96 -17.07 -5.63 -1.10
N ALA B 97 -16.33 -5.10 -0.12
CA ALA B 97 -16.08 -3.67 -0.05
C ALA B 97 -15.66 -3.13 -1.42
N PHE B 98 -14.50 -3.58 -1.89
CA PHE B 98 -14.00 -3.13 -3.18
C PHE B 98 -14.58 -3.93 -4.35
N ALA B 99 -15.89 -3.94 -4.47
CA ALA B 99 -16.51 -4.71 -5.54
C ALA B 99 -17.45 -3.93 -6.40
N ASP B 100 -17.40 -4.20 -7.70
CA ASP B 100 -18.30 -3.57 -8.65
C ASP B 100 -19.18 -4.68 -9.15
N GLN B 101 -19.89 -4.42 -10.24
CA GLN B 101 -20.73 -5.46 -10.81
C GLN B 101 -20.03 -6.00 -12.04
N PRO B 102 -20.33 -7.25 -12.42
CA PRO B 102 -21.28 -8.12 -11.73
C PRO B 102 -20.61 -8.92 -10.61
N ASP B 103 -19.33 -8.67 -10.36
CA ASP B 103 -18.58 -9.40 -9.34
C ASP B 103 -19.15 -9.30 -7.93
N HIS B 104 -19.85 -8.22 -7.64
CA HIS B 104 -20.43 -8.05 -6.31
C HIS B 104 -21.48 -9.15 -6.10
N ASN B 105 -22.34 -9.39 -7.08
CA ASN B 105 -23.37 -10.43 -6.97
C ASN B 105 -22.63 -11.75 -6.83
N ARG B 106 -22.14 -12.28 -7.94
CA ARG B 106 -21.39 -13.54 -7.95
C ARG B 106 -20.81 -13.79 -6.56
N LEU B 107 -20.12 -12.79 -6.02
CA LEU B 107 -19.52 -12.91 -4.71
C LEU B 107 -20.53 -12.87 -3.57
N ARG B 108 -21.39 -11.84 -3.53
CA ARG B 108 -22.37 -11.74 -2.47
C ARG B 108 -23.28 -12.96 -2.46
N ARG B 109 -23.93 -13.24 -3.60
CA ARG B 109 -24.82 -14.40 -3.72
C ARG B 109 -24.21 -15.61 -3.03
N ALA B 110 -22.98 -15.94 -3.42
CA ALA B 110 -22.28 -17.08 -2.83
C ALA B 110 -22.58 -17.27 -1.35
N VAL B 111 -22.35 -16.23 -0.55
CA VAL B 111 -22.57 -16.31 0.89
C VAL B 111 -23.79 -15.57 1.45
N ALA B 112 -24.57 -14.93 0.59
CA ALA B 112 -25.72 -14.14 1.01
C ALA B 112 -26.91 -14.83 1.70
N GLY B 113 -27.00 -16.17 1.61
CA GLY B 113 -28.11 -16.88 2.20
C GLY B 113 -28.05 -17.22 3.68
N ALA B 114 -26.84 -17.17 4.25
CA ALA B 114 -26.68 -17.46 5.66
C ALA B 114 -26.89 -16.17 6.44
N PHE B 115 -27.30 -15.12 5.73
CA PHE B 115 -27.53 -13.82 6.36
C PHE B 115 -28.93 -13.25 6.16
N THR B 116 -29.80 -14.05 5.56
CA THR B 116 -31.17 -13.62 5.27
C THR B 116 -32.05 -13.61 6.51
N VAL B 117 -33.18 -12.92 6.43
CA VAL B 117 -34.14 -12.85 7.53
C VAL B 117 -34.55 -14.27 7.88
N GLY B 118 -34.73 -15.10 6.86
CA GLY B 118 -35.11 -16.47 7.14
C GLY B 118 -34.00 -17.25 7.83
N ALA B 119 -32.76 -16.95 7.49
CA ALA B 119 -31.63 -17.65 8.08
C ALA B 119 -31.38 -17.16 9.48
N THR B 120 -31.78 -15.94 9.75
CA THR B 120 -31.59 -15.31 11.06
C THR B 120 -32.68 -15.70 12.06
N LYS B 121 -33.95 -15.56 11.67
CA LYS B 121 -35.07 -15.93 12.56
C LYS B 121 -34.82 -17.36 12.98
N ARG B 122 -34.25 -18.12 12.06
CA ARG B 122 -33.94 -19.50 12.29
C ARG B 122 -32.89 -19.66 13.40
N LEU B 123 -31.77 -18.93 13.27
CA LEU B 123 -30.64 -18.94 14.20
C LEU B 123 -30.95 -18.43 15.61
N ARG B 124 -31.88 -17.48 15.68
CA ARG B 124 -32.30 -16.85 16.93
C ARG B 124 -32.23 -17.67 18.23
N PRO B 125 -32.87 -18.86 18.28
CA PRO B 125 -32.84 -19.68 19.49
C PRO B 125 -31.42 -20.02 19.96
N ARG B 126 -30.57 -20.44 19.01
CA ARG B 126 -29.19 -20.78 19.32
C ARG B 126 -28.49 -19.53 19.84
N ALA B 127 -28.69 -18.43 19.14
CA ALA B 127 -28.11 -17.17 19.55
C ALA B 127 -28.58 -16.82 20.96
N GLN B 128 -29.88 -16.97 21.22
CA GLN B 128 -30.44 -16.68 22.53
C GLN B 128 -29.87 -17.60 23.58
N GLU B 129 -29.55 -18.82 23.17
CA GLU B 129 -28.98 -19.77 24.10
C GLU B 129 -27.56 -19.34 24.45
N ILE B 130 -26.72 -19.15 23.42
CA ILE B 130 -25.33 -18.74 23.61
C ILE B 130 -25.26 -17.55 24.56
N LEU B 131 -26.11 -16.56 24.33
CA LEU B 131 -26.17 -15.36 25.17
C LEU B 131 -26.48 -15.75 26.62
N ASP B 132 -27.56 -16.51 26.82
CA ASP B 132 -27.94 -16.94 28.16
C ASP B 132 -26.77 -17.61 28.85
N GLY B 133 -25.98 -18.35 28.09
CA GLY B 133 -24.81 -19.01 28.66
C GLY B 133 -23.91 -17.95 29.25
N LEU B 134 -23.54 -16.98 28.43
CA LEU B 134 -22.69 -15.92 28.89
C LEU B 134 -23.29 -15.27 30.12
N VAL B 135 -24.60 -15.01 30.08
CA VAL B 135 -25.25 -14.35 31.21
C VAL B 135 -25.19 -15.19 32.48
N ASP B 136 -25.43 -16.50 32.36
CA ASP B 136 -25.37 -17.37 33.52
C ASP B 136 -24.11 -17.05 34.29
N GLY B 137 -22.99 -17.07 33.57
CA GLY B 137 -21.69 -16.79 34.16
C GLY B 137 -21.56 -15.52 34.99
N ILE B 138 -21.96 -14.39 34.42
CA ILE B 138 -21.85 -13.14 35.18
C ILE B 138 -22.78 -13.14 36.38
N LEU B 139 -23.99 -13.67 36.20
CA LEU B 139 -24.94 -13.70 37.30
C LEU B 139 -24.35 -14.43 38.48
N ALA B 140 -23.79 -15.61 38.22
CA ALA B 140 -23.18 -16.43 39.26
C ALA B 140 -22.17 -15.60 40.06
N GLU B 141 -21.05 -15.27 39.42
CA GLU B 141 -20.00 -14.51 40.06
C GLU B 141 -20.46 -13.28 40.86
N GLY B 142 -21.35 -12.47 40.30
CA GLY B 142 -21.80 -11.32 41.05
C GLY B 142 -21.58 -9.93 40.49
N PRO B 143 -22.50 -9.01 40.82
CA PRO B 143 -22.66 -7.59 40.49
C PRO B 143 -21.55 -6.79 39.84
N PRO B 144 -20.37 -6.67 40.47
CA PRO B 144 -19.41 -5.87 39.70
C PRO B 144 -18.87 -6.63 38.48
N ALA B 145 -19.36 -6.25 37.30
CA ALA B 145 -18.97 -6.86 36.04
C ALA B 145 -19.00 -5.88 34.87
N ASP B 146 -18.10 -6.14 33.92
CA ASP B 146 -17.96 -5.33 32.73
C ASP B 146 -18.69 -6.06 31.59
N LEU B 147 -19.91 -5.62 31.32
CA LEU B 147 -20.72 -6.24 30.28
C LEU B 147 -19.96 -6.40 28.97
N VAL B 148 -19.05 -5.46 28.69
CA VAL B 148 -18.27 -5.47 27.46
C VAL B 148 -17.46 -6.74 27.25
N GLU B 149 -16.42 -6.92 28.05
CA GLU B 149 -15.56 -8.09 27.94
C GLU B 149 -16.23 -9.40 28.38
N ARG B 150 -17.40 -9.30 29.00
CA ARG B 150 -18.10 -10.47 29.50
C ARG B 150 -19.33 -10.90 28.69
N VAL B 151 -19.89 -9.98 27.92
CA VAL B 151 -21.09 -10.30 27.14
C VAL B 151 -21.04 -9.69 25.74
N LEU B 152 -21.10 -8.38 25.68
CA LEU B 152 -21.09 -7.63 24.43
C LEU B 152 -20.01 -8.02 23.41
N GLU B 153 -18.80 -8.29 23.89
CA GLU B 153 -17.71 -8.66 22.99
C GLU B 153 -17.74 -10.13 22.59
N PRO B 154 -17.70 -11.03 23.58
CA PRO B 154 -17.69 -12.47 23.28
C PRO B 154 -18.89 -12.98 22.48
N PHE B 155 -20.08 -12.49 22.80
CA PHE B 155 -21.29 -12.93 22.12
C PHE B 155 -21.26 -12.89 20.58
N PRO B 156 -21.17 -11.70 19.96
CA PRO B 156 -21.15 -11.70 18.49
C PRO B 156 -20.21 -12.70 17.82
N ILE B 157 -18.98 -12.82 18.30
CA ILE B 157 -18.02 -13.77 17.71
C ILE B 157 -18.66 -15.15 17.64
N ALA B 158 -19.11 -15.63 18.78
CA ALA B 158 -19.75 -16.93 18.91
C ALA B 158 -20.88 -17.06 17.88
N VAL B 159 -21.86 -16.17 17.98
CA VAL B 159 -23.00 -16.15 17.08
C VAL B 159 -22.62 -16.05 15.60
N VAL B 160 -21.61 -15.25 15.29
CA VAL B 160 -21.17 -15.11 13.90
C VAL B 160 -20.47 -16.41 13.48
N SER B 161 -19.71 -17.01 14.39
CA SER B 161 -19.00 -18.24 14.08
C SER B 161 -19.98 -19.38 13.82
N GLU B 162 -21.16 -19.31 14.44
CA GLU B 162 -22.17 -20.32 14.19
C GLU B 162 -22.53 -20.11 12.71
N VAL B 163 -22.86 -18.86 12.38
CA VAL B 163 -23.23 -18.50 11.02
C VAL B 163 -22.13 -18.93 10.05
N MET B 164 -20.89 -18.56 10.37
CA MET B 164 -19.77 -18.92 9.49
C MET B 164 -19.56 -20.43 9.44
N GLY B 165 -20.03 -21.14 10.46
CA GLY B 165 -19.88 -22.58 10.48
C GLY B 165 -18.52 -23.08 10.91
N VAL B 166 -18.00 -22.53 12.00
CA VAL B 166 -16.70 -22.95 12.47
C VAL B 166 -16.93 -24.23 13.25
N PRO B 167 -16.24 -25.32 12.89
CA PRO B 167 -16.38 -26.61 13.58
C PRO B 167 -16.12 -26.47 15.09
N ALA B 168 -17.11 -26.87 15.89
CA ALA B 168 -17.04 -26.81 17.36
C ALA B 168 -15.68 -27.03 18.00
N ALA B 169 -14.78 -27.72 17.31
CA ALA B 169 -13.45 -27.96 17.85
C ALA B 169 -12.57 -26.75 17.60
N ASP B 170 -12.84 -26.07 16.49
CA ASP B 170 -12.09 -24.88 16.09
C ASP B 170 -12.65 -23.62 16.72
N ARG B 171 -13.11 -23.72 17.96
CA ARG B 171 -13.66 -22.57 18.65
C ARG B 171 -12.60 -21.70 19.29
N GLU B 172 -11.86 -22.28 20.23
CA GLU B 172 -10.83 -21.55 20.94
C GLU B 172 -9.77 -21.00 20.00
N ARG B 173 -9.68 -21.57 18.80
CA ARG B 173 -8.69 -21.09 17.84
C ARG B 173 -9.19 -20.02 16.90
N VAL B 174 -10.32 -20.23 16.24
CA VAL B 174 -10.85 -19.22 15.34
C VAL B 174 -11.21 -17.97 16.15
N HIS B 175 -11.84 -18.17 17.31
CA HIS B 175 -12.22 -17.05 18.17
C HIS B 175 -10.97 -16.33 18.61
N SER B 176 -9.93 -17.09 18.87
CA SER B 176 -8.68 -16.49 19.27
C SER B 176 -8.30 -15.54 18.14
N TRP B 177 -7.73 -16.09 17.06
CA TRP B 177 -7.32 -15.29 15.90
C TRP B 177 -8.20 -14.08 15.59
N THR B 178 -9.48 -14.32 15.37
CA THR B 178 -10.43 -13.27 15.03
C THR B 178 -10.34 -12.08 15.98
N ARG B 179 -9.61 -12.26 17.08
CA ARG B 179 -9.44 -11.18 18.05
C ARG B 179 -8.17 -10.43 17.74
N GLN B 180 -8.05 -10.01 16.48
CA GLN B 180 -6.92 -9.24 15.99
C GLN B 180 -7.53 -7.88 15.70
N ILE B 181 -8.42 -7.48 16.61
CA ILE B 181 -9.09 -6.20 16.55
C ILE B 181 -8.12 -5.24 17.23
N ILE B 182 -7.14 -5.80 17.93
CA ILE B 182 -6.12 -5.01 18.61
C ILE B 182 -6.74 -3.93 19.49
N SER B 183 -7.45 -4.36 20.55
CA SER B 183 -8.12 -3.44 21.46
C SER B 183 -7.31 -2.17 21.73
N THR B 184 -7.74 -1.07 21.11
CA THR B 184 -7.11 0.24 21.22
C THR B 184 -5.69 0.20 20.60
N SER B 185 -5.01 -0.93 20.78
CA SER B 185 -3.66 -1.16 20.26
C SER B 185 -3.08 -2.47 20.83
N GLY B 186 -1.88 -2.81 20.39
CA GLY B 186 -1.24 -4.02 20.87
C GLY B 186 -1.02 -5.05 19.77
N GLY B 187 0.24 -5.21 19.36
CA GLY B 187 0.56 -6.17 18.31
C GLY B 187 -0.03 -5.86 16.96
N ALA B 188 0.60 -4.93 16.23
CA ALA B 188 0.14 -4.57 14.89
C ALA B 188 0.84 -5.45 13.85
N GLU B 189 1.97 -6.04 14.26
CA GLU B 189 2.74 -6.93 13.41
C GLU B 189 2.45 -8.36 13.90
N ALA B 190 1.74 -8.43 15.02
CA ALA B 190 1.36 -9.71 15.62
C ALA B 190 0.01 -10.10 15.01
N ALA B 191 -0.87 -9.11 14.88
CA ALA B 191 -2.19 -9.32 14.29
C ALA B 191 -2.06 -9.82 12.86
N GLU B 192 -0.86 -9.69 12.30
CA GLU B 192 -0.61 -10.14 10.94
C GLU B 192 -0.48 -11.66 10.92
N ARG B 193 -0.06 -12.23 12.05
CA ARG B 193 0.10 -13.67 12.16
C ARG B 193 -1.28 -14.29 12.30
N ALA B 194 -2.12 -13.68 13.12
CA ALA B 194 -3.48 -14.18 13.32
C ALA B 194 -4.20 -14.09 11.97
N LYS B 195 -3.90 -13.03 11.22
CA LYS B 195 -4.51 -12.79 9.92
C LYS B 195 -4.03 -13.76 8.85
N ARG B 196 -2.84 -14.31 9.03
CA ARG B 196 -2.26 -15.25 8.07
C ARG B 196 -2.69 -16.69 8.39
N GLY B 197 -2.94 -16.94 9.67
CA GLY B 197 -3.37 -18.26 10.10
C GLY B 197 -4.88 -18.44 9.95
N LEU B 198 -5.63 -17.44 10.39
CA LEU B 198 -7.08 -17.48 10.27
C LEU B 198 -7.41 -17.58 8.79
N TYR B 199 -6.83 -16.67 8.00
CA TYR B 199 -7.09 -16.69 6.58
C TYR B 199 -6.57 -18.00 6.00
N GLY B 200 -5.46 -18.49 6.55
CA GLY B 200 -4.95 -19.75 6.09
C GLY B 200 -6.03 -20.77 6.41
N TRP B 201 -6.40 -20.81 7.68
CA TRP B 201 -7.43 -21.72 8.18
C TRP B 201 -8.67 -21.71 7.29
N ILE B 202 -9.13 -20.52 6.92
CA ILE B 202 -10.32 -20.41 6.09
C ILE B 202 -10.10 -21.05 4.72
N THR B 203 -8.89 -20.89 4.17
CA THR B 203 -8.58 -21.46 2.86
C THR B 203 -8.78 -22.98 2.91
N GLU B 204 -8.31 -23.60 3.98
CA GLU B 204 -8.43 -25.05 4.18
C GLU B 204 -9.89 -25.46 4.32
N THR B 205 -10.61 -24.77 5.22
CA THR B 205 -12.00 -25.07 5.44
C THR B 205 -12.77 -24.96 4.13
N VAL B 206 -12.28 -24.14 3.21
CA VAL B 206 -12.95 -24.01 1.93
C VAL B 206 -12.51 -25.12 0.96
N ARG B 207 -11.27 -25.57 1.08
CA ARG B 207 -10.77 -26.66 0.24
C ARG B 207 -11.68 -27.85 0.54
N ALA B 208 -11.83 -28.16 1.83
CA ALA B 208 -12.72 -29.23 2.25
C ALA B 208 -14.07 -28.52 2.16
N ARG B 209 -15.17 -29.25 2.22
CA ARG B 209 -16.47 -28.59 2.10
C ARG B 209 -16.61 -28.12 0.66
N ALA B 210 -15.62 -28.46 -0.16
CA ALA B 210 -15.61 -28.08 -1.56
C ALA B 210 -16.76 -28.73 -2.29
N GLY B 211 -17.39 -29.71 -1.64
CA GLY B 211 -18.52 -30.41 -2.22
C GLY B 211 -19.61 -30.51 -1.17
N SER B 212 -19.46 -29.71 -0.12
CA SER B 212 -20.40 -29.70 1.00
C SER B 212 -21.75 -29.07 0.69
N GLU B 213 -22.40 -28.61 1.75
CA GLU B 213 -23.70 -27.97 1.70
C GLU B 213 -24.01 -27.55 3.14
N GLY B 214 -24.91 -26.59 3.29
CA GLY B 214 -25.29 -26.12 4.61
C GLY B 214 -25.21 -24.61 4.71
N GLY B 215 -25.90 -24.04 5.70
CA GLY B 215 -25.86 -22.60 5.88
C GLY B 215 -24.41 -22.23 6.07
N ASP B 216 -23.73 -23.03 6.89
CA ASP B 216 -22.32 -22.87 7.19
C ASP B 216 -21.60 -22.16 6.02
N VAL B 217 -21.53 -20.84 6.10
CA VAL B 217 -20.89 -20.03 5.07
C VAL B 217 -19.67 -20.73 4.46
N TYR B 218 -18.82 -21.32 5.29
CA TYR B 218 -17.64 -21.98 4.77
C TYR B 218 -17.94 -23.10 3.77
N SER B 219 -18.72 -24.08 4.20
CA SER B 219 -19.09 -25.21 3.33
C SER B 219 -19.77 -24.68 2.08
N MET B 220 -20.72 -23.78 2.29
CA MET B 220 -21.50 -23.16 1.22
C MET B 220 -20.65 -22.40 0.21
N LEU B 221 -19.49 -21.92 0.67
CA LEU B 221 -18.57 -21.21 -0.20
C LEU B 221 -17.88 -22.31 -0.97
N GLY B 222 -17.12 -23.11 -0.24
CA GLY B 222 -16.41 -24.22 -0.87
C GLY B 222 -17.26 -24.88 -1.92
N ALA B 223 -18.54 -25.00 -1.65
CA ALA B 223 -19.46 -25.61 -2.58
C ALA B 223 -19.33 -24.91 -3.93
N ALA B 224 -19.56 -23.60 -3.93
CA ALA B 224 -19.46 -22.79 -5.15
C ALA B 224 -18.01 -22.75 -5.63
N VAL B 225 -17.07 -22.79 -4.69
CA VAL B 225 -15.66 -22.79 -5.06
C VAL B 225 -15.44 -24.08 -5.84
N GLY B 226 -16.01 -25.18 -5.32
CA GLY B 226 -15.90 -26.47 -5.97
C GLY B 226 -16.58 -26.49 -7.32
N ARG B 227 -17.14 -25.35 -7.70
CA ARG B 227 -17.82 -25.18 -8.97
C ARG B 227 -17.31 -23.92 -9.64
N GLY B 228 -16.21 -23.39 -9.10
CA GLY B 228 -15.60 -22.19 -9.64
C GLY B 228 -16.54 -21.01 -9.83
N GLU B 229 -17.66 -21.00 -9.11
CA GLU B 229 -18.61 -19.90 -9.22
C GLU B 229 -17.98 -18.68 -8.57
N VAL B 230 -16.89 -18.90 -7.84
CA VAL B 230 -16.16 -17.83 -7.17
C VAL B 230 -14.67 -18.14 -7.12
N GLY B 231 -14.34 -19.42 -7.30
CA GLY B 231 -12.94 -19.82 -7.27
C GLY B 231 -12.28 -19.49 -5.94
N GLU B 232 -11.25 -20.25 -5.57
CA GLU B 232 -10.53 -20.03 -4.30
C GLU B 232 -10.03 -18.60 -4.26
N THR B 233 -9.01 -18.33 -3.48
CA THR B 233 -8.48 -16.97 -3.41
C THR B 233 -9.56 -16.04 -2.87
N GLU B 234 -10.50 -15.67 -3.75
CA GLU B 234 -11.60 -14.80 -3.39
C GLU B 234 -12.29 -15.29 -2.13
N ALA B 235 -12.19 -16.60 -1.89
CA ALA B 235 -12.82 -17.19 -0.72
C ALA B 235 -12.36 -16.50 0.57
N VAL B 236 -11.06 -16.59 0.84
CA VAL B 236 -10.48 -16.01 2.05
C VAL B 236 -10.79 -14.53 2.25
N GLY B 237 -11.04 -13.84 1.14
CA GLY B 237 -11.34 -12.42 1.21
C GLY B 237 -12.83 -12.12 1.33
N LEU B 238 -13.67 -13.07 0.88
CA LEU B 238 -15.11 -12.88 0.95
C LEU B 238 -15.59 -13.10 2.38
N ALA B 239 -15.01 -14.11 3.03
CA ALA B 239 -15.37 -14.45 4.40
C ALA B 239 -14.46 -13.77 5.41
N GLY B 240 -13.39 -13.16 4.90
CA GLY B 240 -12.45 -12.48 5.79
C GLY B 240 -13.19 -11.53 6.72
N PRO B 241 -13.85 -10.50 6.14
CA PRO B 241 -14.61 -9.51 6.91
C PRO B 241 -15.63 -10.17 7.81
N LEU B 242 -16.52 -10.96 7.20
CA LEU B 242 -17.58 -11.67 7.93
C LEU B 242 -17.06 -12.28 9.23
N GLN B 243 -16.17 -13.25 9.11
CA GLN B 243 -15.61 -13.87 10.29
C GLN B 243 -15.37 -12.80 11.36
N ILE B 244 -14.64 -11.75 11.01
CA ILE B 244 -14.32 -10.64 11.92
C ILE B 244 -15.52 -9.74 12.23
N GLY B 245 -16.45 -9.67 11.29
CA GLY B 245 -17.64 -8.83 11.39
C GLY B 245 -18.28 -8.56 12.75
N GLY B 246 -18.24 -9.55 13.63
CA GLY B 246 -18.84 -9.41 14.95
C GLY B 246 -18.60 -8.12 15.73
N GLU B 247 -17.34 -7.76 15.94
CA GLU B 247 -17.00 -6.55 16.69
C GLU B 247 -17.91 -5.35 16.46
N ALA B 248 -18.34 -5.14 15.21
CA ALA B 248 -19.22 -4.01 14.90
C ALA B 248 -20.43 -3.98 15.83
N VAL B 249 -20.97 -5.16 16.11
CA VAL B 249 -22.13 -5.32 17.00
C VAL B 249 -21.68 -5.11 18.44
N THR B 250 -20.49 -5.61 18.75
CA THR B 250 -19.92 -5.49 20.08
C THR B 250 -19.74 -4.04 20.52
N HIS B 251 -19.56 -3.13 19.57
CA HIS B 251 -19.35 -1.72 19.91
C HIS B 251 -20.58 -0.85 19.70
N ASN B 252 -21.41 -1.19 18.73
CA ASN B 252 -22.59 -0.38 18.51
C ASN B 252 -23.55 -0.52 19.71
N VAL B 253 -23.79 -1.76 20.14
CA VAL B 253 -24.65 -1.99 21.28
C VAL B 253 -23.96 -1.39 22.50
N GLY B 254 -22.64 -1.58 22.57
CA GLY B 254 -21.86 -1.04 23.67
C GLY B 254 -22.21 0.44 23.86
N GLN B 255 -22.50 1.11 22.75
CA GLN B 255 -22.86 2.51 22.81
C GLN B 255 -24.31 2.68 23.24
N MET B 256 -25.18 1.84 22.67
CA MET B 256 -26.62 1.87 22.98
C MET B 256 -26.82 1.83 24.47
N LEU B 257 -26.17 0.85 25.08
CA LEU B 257 -26.23 0.70 26.51
C LEU B 257 -25.68 1.98 27.14
N TYR B 258 -24.49 2.40 26.72
CA TYR B 258 -23.93 3.59 27.32
C TYR B 258 -25.00 4.65 27.46
N LEU B 259 -25.65 5.00 26.35
CA LEU B 259 -26.68 6.03 26.38
C LEU B 259 -27.86 5.68 27.27
N LEU B 260 -28.06 4.40 27.51
CA LEU B 260 -29.16 3.96 28.37
C LEU B 260 -28.76 4.16 29.85
N LEU B 261 -27.52 3.79 30.17
CA LEU B 261 -26.99 3.87 31.52
C LEU B 261 -26.60 5.28 32.01
N THR B 262 -26.65 6.29 31.13
CA THR B 262 -26.32 7.66 31.55
C THR B 262 -27.49 8.59 31.23
N ARG B 263 -28.22 8.28 30.15
CA ARG B 263 -29.39 9.07 29.81
C ARG B 263 -30.61 8.26 30.29
N ARG B 264 -31.11 8.65 31.47
CA ARG B 264 -32.23 7.99 32.12
C ARG B 264 -33.52 8.02 31.32
N GLU B 265 -33.90 9.18 30.81
CA GLU B 265 -35.13 9.27 30.05
C GLU B 265 -35.17 8.14 29.04
N LEU B 266 -34.01 7.78 28.50
CA LEU B 266 -33.95 6.69 27.53
C LEU B 266 -34.29 5.39 28.23
N MET B 267 -33.41 4.97 29.13
CA MET B 267 -33.58 3.73 29.89
C MET B 267 -35.00 3.58 30.44
N ALA B 268 -35.66 4.70 30.73
CA ALA B 268 -37.02 4.68 31.27
C ALA B 268 -37.99 4.24 30.17
N ARG B 269 -37.91 4.88 29.02
CA ARG B 269 -38.77 4.51 27.90
C ARG B 269 -38.58 3.02 27.67
N MET B 270 -37.33 2.60 27.64
CA MET B 270 -36.99 1.21 27.41
C MET B 270 -37.62 0.22 28.40
N ARG B 271 -37.41 0.47 29.68
CA ARG B 271 -37.93 -0.42 30.70
C ARG B 271 -39.45 -0.39 30.86
N GLU B 272 -40.05 0.78 30.71
CA GLU B 272 -41.50 0.87 30.88
C GLU B 272 -42.35 0.61 29.65
N ARG B 273 -41.72 0.17 28.57
CA ARG B 273 -42.45 -0.13 27.34
C ARG B 273 -41.80 -1.21 26.50
N PRO B 274 -41.51 -2.37 27.10
CA PRO B 274 -40.90 -3.44 26.31
C PRO B 274 -41.90 -3.77 25.21
N GLY B 275 -41.53 -4.65 24.29
CA GLY B 275 -42.47 -4.96 23.22
C GLY B 275 -42.43 -3.85 22.18
N ALA B 276 -42.01 -2.66 22.62
CA ALA B 276 -41.89 -1.50 21.76
C ALA B 276 -40.46 -0.95 21.68
N ARG B 277 -39.48 -1.83 21.78
CA ARG B 277 -38.07 -1.42 21.71
C ARG B 277 -37.49 -1.34 20.29
N GLY B 278 -38.27 -1.76 19.30
CA GLY B 278 -37.80 -1.69 17.93
C GLY B 278 -37.57 -0.27 17.47
N THR B 279 -38.58 0.59 17.61
CA THR B 279 -38.42 1.99 17.23
C THR B 279 -37.21 2.55 17.97
N ALA B 280 -37.20 2.39 19.29
CA ALA B 280 -36.11 2.86 20.11
C ALA B 280 -34.77 2.37 19.58
N LEU B 281 -34.71 1.10 19.19
CA LEU B 281 -33.46 0.53 18.67
C LEU B 281 -33.11 1.15 17.33
N ASP B 282 -34.13 1.63 16.63
CA ASP B 282 -33.91 2.27 15.36
C ASP B 282 -33.32 3.64 15.62
N GLU B 283 -34.01 4.44 16.44
CA GLU B 283 -33.52 5.76 16.77
C GLU B 283 -32.08 5.66 17.25
N LEU B 284 -31.82 4.71 18.14
CA LEU B 284 -30.44 4.57 18.62
C LEU B 284 -29.47 4.38 17.46
N LEU B 285 -29.85 3.55 16.49
CA LEU B 285 -29.01 3.27 15.31
C LEU B 285 -28.71 4.48 14.47
N ARG B 286 -29.72 5.31 14.26
CA ARG B 286 -29.56 6.52 13.46
C ARG B 286 -28.67 7.57 14.10
N TRP B 287 -28.74 7.67 15.43
CA TRP B 287 -28.00 8.67 16.22
C TRP B 287 -26.52 8.36 16.42
N ILE B 288 -26.26 7.20 17.04
CA ILE B 288 -24.91 6.77 17.31
C ILE B 288 -23.97 6.97 16.14
N SER B 289 -22.81 7.56 16.43
CA SER B 289 -21.79 7.76 15.43
C SER B 289 -20.92 6.52 15.58
N HIS B 290 -21.24 5.52 14.77
CA HIS B 290 -20.58 4.21 14.77
C HIS B 290 -19.09 4.20 14.44
N ARG B 291 -18.65 5.06 13.52
CA ARG B 291 -17.24 5.10 13.16
C ARG B 291 -16.62 6.45 13.47
N THR B 292 -15.30 6.55 13.34
CA THR B 292 -14.63 7.82 13.59
C THR B 292 -14.79 8.71 12.37
N SER B 293 -15.00 8.11 11.20
CA SER B 293 -15.14 8.90 9.98
C SER B 293 -15.74 8.11 8.83
N VAL B 294 -15.65 8.66 7.62
CA VAL B 294 -16.19 7.98 6.45
C VAL B 294 -15.41 6.71 6.13
N GLY B 295 -16.05 5.80 5.38
CA GLY B 295 -15.43 4.55 5.00
C GLY B 295 -14.62 4.68 3.72
N LEU B 296 -14.63 3.63 2.90
CA LEU B 296 -13.88 3.67 1.64
C LEU B 296 -14.57 4.72 0.78
N ALA B 297 -13.89 5.23 -0.23
CA ALA B 297 -14.51 6.24 -1.07
C ALA B 297 -14.97 5.61 -2.37
N ARG B 298 -15.52 6.44 -3.25
CA ARG B 298 -15.98 5.98 -4.54
C ARG B 298 -15.33 6.90 -5.57
N ILE B 299 -14.98 6.35 -6.73
CA ILE B 299 -14.35 7.16 -7.77
C ILE B 299 -15.38 7.48 -8.85
N ALA B 300 -15.37 8.74 -9.31
CA ALA B 300 -16.32 9.16 -10.35
C ALA B 300 -15.81 8.52 -11.63
N LEU B 301 -16.42 7.41 -12.00
CA LEU B 301 -15.98 6.70 -13.18
C LEU B 301 -16.04 7.51 -14.47
N GLU B 302 -17.14 8.22 -14.67
CA GLU B 302 -17.26 8.97 -15.91
C GLU B 302 -17.31 10.48 -15.79
N ASP B 303 -16.81 11.04 -14.70
CA ASP B 303 -16.79 12.49 -14.62
C ASP B 303 -18.25 12.99 -14.65
N VAL B 304 -18.85 13.02 -13.45
CA VAL B 304 -20.24 13.48 -13.27
C VAL B 304 -20.24 14.81 -12.53
N GLU B 305 -21.43 15.28 -12.15
CA GLU B 305 -21.53 16.53 -11.43
C GLU B 305 -22.60 16.42 -10.33
N VAL B 306 -22.60 17.37 -9.41
CA VAL B 306 -23.57 17.35 -8.32
C VAL B 306 -23.90 18.75 -7.88
N HIS B 307 -25.16 19.14 -8.03
CA HIS B 307 -25.62 20.47 -7.64
C HIS B 307 -24.81 21.59 -8.28
N GLY B 308 -24.66 21.51 -9.59
CA GLY B 308 -23.90 22.51 -10.30
C GLY B 308 -22.44 22.43 -9.92
N THR B 309 -21.95 21.20 -9.72
CA THR B 309 -20.56 21.00 -9.35
C THR B 309 -19.92 19.92 -10.19
N ARG B 310 -18.98 20.30 -11.04
CA ARG B 310 -18.34 19.33 -11.90
C ARG B 310 -17.31 18.43 -11.20
N ILE B 311 -17.69 17.17 -11.02
CA ILE B 311 -16.85 16.17 -10.39
C ILE B 311 -16.04 15.51 -11.50
N ALA B 312 -14.74 15.79 -11.55
CA ALA B 312 -13.89 15.22 -12.59
C ALA B 312 -13.79 13.72 -12.41
N ALA B 313 -13.69 12.99 -13.52
CA ALA B 313 -13.53 11.55 -13.45
C ALA B 313 -12.21 11.27 -12.76
N GLY B 314 -12.12 10.12 -12.10
CA GLY B 314 -10.89 9.78 -11.40
C GLY B 314 -10.80 10.40 -10.02
N GLU B 315 -11.62 11.42 -9.76
CA GLU B 315 -11.64 12.08 -8.45
C GLU B 315 -12.37 11.22 -7.40
N PRO B 316 -11.89 11.23 -6.14
CA PRO B 316 -12.51 10.45 -5.08
C PRO B 316 -13.64 11.21 -4.40
N VAL B 317 -14.61 10.48 -3.88
CA VAL B 317 -15.73 11.08 -3.18
C VAL B 317 -16.17 10.20 -2.01
N TYR B 318 -16.48 10.87 -0.90
CA TYR B 318 -16.93 10.21 0.33
C TYR B 318 -18.37 10.61 0.65
N VAL B 319 -19.02 9.79 1.46
CA VAL B 319 -20.38 10.08 1.90
C VAL B 319 -20.47 9.70 3.37
N SER B 320 -21.11 10.56 4.15
CA SER B 320 -21.28 10.30 5.58
C SER B 320 -22.71 9.92 5.85
N TYR B 321 -22.89 8.66 6.26
CA TYR B 321 -24.23 8.20 6.59
C TYR B 321 -24.59 8.92 7.89
N LEU B 322 -23.57 9.17 8.71
CA LEU B 322 -23.76 9.87 9.97
C LEU B 322 -24.43 11.20 9.66
N ALA B 323 -23.70 12.09 9.00
CA ALA B 323 -24.26 13.37 8.62
C ALA B 323 -25.60 13.12 7.94
N ALA B 324 -25.63 12.12 7.06
CA ALA B 324 -26.87 11.75 6.34
C ALA B 324 -28.02 11.41 7.31
N ASN B 325 -27.68 10.81 8.45
CA ASN B 325 -28.68 10.47 9.45
C ASN B 325 -29.13 11.68 10.27
N ARG B 326 -28.43 12.81 10.17
CA ARG B 326 -28.82 14.01 10.92
C ARG B 326 -29.49 15.04 10.01
N ASP B 327 -29.85 14.60 8.80
CA ASP B 327 -30.48 15.49 7.85
C ASP B 327 -31.79 16.04 8.40
N PRO B 328 -31.88 17.37 8.58
CA PRO B 328 -33.08 18.01 9.11
C PRO B 328 -34.31 17.75 8.24
N ASP B 329 -34.10 17.71 6.93
CA ASP B 329 -35.20 17.50 6.00
C ASP B 329 -35.95 16.20 6.29
N VAL B 330 -35.21 15.12 6.46
CA VAL B 330 -35.77 13.80 6.72
C VAL B 330 -36.13 13.50 8.18
N PHE B 331 -35.18 13.79 9.08
CA PHE B 331 -35.37 13.56 10.50
C PHE B 331 -35.50 14.88 11.25
N PRO B 332 -36.74 15.38 11.37
CA PRO B 332 -37.03 16.64 12.06
C PRO B 332 -36.44 16.64 13.47
N ASP B 333 -35.74 17.72 13.82
CA ASP B 333 -35.08 17.84 15.12
C ASP B 333 -34.06 16.71 15.14
N PRO B 334 -33.27 16.60 14.07
CA PRO B 334 -32.22 15.59 13.85
C PRO B 334 -31.37 15.12 15.04
N ASP B 335 -30.95 16.01 15.91
CA ASP B 335 -30.11 15.57 17.00
C ASP B 335 -30.84 14.93 18.18
N ARG B 336 -32.15 15.16 18.31
CA ARG B 336 -32.91 14.59 19.42
C ARG B 336 -33.03 13.07 19.31
N ILE B 337 -32.93 12.37 20.44
CA ILE B 337 -33.07 10.91 20.44
C ILE B 337 -34.52 10.63 20.84
N ASP B 338 -35.37 10.41 19.85
CA ASP B 338 -36.79 10.17 20.06
C ASP B 338 -37.20 8.80 20.59
N LEU B 339 -36.71 7.74 19.98
CA LEU B 339 -37.05 6.37 20.38
C LEU B 339 -38.44 5.98 19.89
N ASP B 340 -39.21 6.96 19.40
CA ASP B 340 -40.55 6.73 18.87
C ASP B 340 -40.74 7.27 17.46
N ARG B 341 -39.64 7.70 16.85
CA ARG B 341 -39.66 8.26 15.50
C ARG B 341 -40.54 7.43 14.55
N ASP B 342 -41.47 8.11 13.87
CA ASP B 342 -42.39 7.49 12.91
C ASP B 342 -41.73 6.37 12.07
N PRO B 343 -41.30 6.64 10.80
CA PRO B 343 -40.69 5.46 10.18
C PRO B 343 -39.18 5.50 10.46
N ASN B 344 -38.60 6.67 10.28
CA ASN B 344 -37.17 6.82 10.49
C ASN B 344 -36.39 5.87 9.55
N PRO B 345 -36.16 6.33 8.31
CA PRO B 345 -35.44 5.55 7.30
C PRO B 345 -33.93 5.81 7.38
N HIS B 346 -33.37 5.68 8.57
CA HIS B 346 -31.95 5.92 8.75
C HIS B 346 -31.09 5.12 7.76
N LEU B 347 -29.78 5.39 7.73
CA LEU B 347 -28.88 4.71 6.81
C LEU B 347 -27.65 4.17 7.53
N ALA B 348 -27.84 3.51 8.66
CA ALA B 348 -26.73 2.99 9.43
C ALA B 348 -26.04 1.79 8.80
N TYR B 349 -26.71 1.16 7.84
CA TYR B 349 -26.13 -0.01 7.17
C TYR B 349 -25.74 0.30 5.71
N GLY B 350 -25.34 1.52 5.43
CA GLY B 350 -24.97 1.88 4.07
C GLY B 350 -26.13 2.11 3.12
N ASN B 351 -25.88 1.87 1.84
CA ASN B 351 -26.88 2.03 0.78
C ASN B 351 -26.30 1.51 -0.54
N GLY B 352 -27.17 1.16 -1.48
CA GLY B 352 -26.71 0.63 -2.74
C GLY B 352 -26.26 -0.78 -2.43
N HIS B 353 -25.80 -1.52 -3.41
CA HIS B 353 -25.37 -2.89 -3.15
C HIS B 353 -24.36 -2.94 -2.02
N HIS B 354 -23.60 -1.87 -1.84
CA HIS B 354 -22.63 -1.86 -0.78
C HIS B 354 -23.34 -1.61 0.54
N PHE B 355 -24.42 -2.35 0.75
CA PHE B 355 -25.23 -2.25 1.97
C PHE B 355 -24.78 -3.43 2.84
N CYS B 356 -24.72 -3.19 4.15
CA CYS B 356 -24.29 -4.21 5.10
C CYS B 356 -24.89 -5.60 4.92
N THR B 357 -24.01 -6.60 4.83
CA THR B 357 -24.40 -7.99 4.66
C THR B 357 -24.85 -8.61 5.97
N GLY B 358 -24.45 -8.01 7.09
CA GLY B 358 -24.85 -8.52 8.37
C GLY B 358 -25.99 -7.73 8.98
N ALA B 359 -26.40 -6.66 8.32
CA ALA B 359 -27.47 -5.82 8.86
C ALA B 359 -28.55 -6.60 9.62
N VAL B 360 -29.10 -7.63 9.00
CA VAL B 360 -30.13 -8.43 9.63
C VAL B 360 -29.60 -9.26 10.80
N LEU B 361 -28.38 -9.78 10.65
CA LEU B 361 -27.76 -10.59 11.70
C LEU B 361 -27.45 -9.74 12.92
N ALA B 362 -27.08 -8.48 12.69
CA ALA B 362 -26.74 -7.58 13.79
C ALA B 362 -28.00 -7.08 14.48
N ARG B 363 -29.10 -7.01 13.74
CA ARG B 363 -30.33 -6.54 14.35
C ARG B 363 -30.83 -7.57 15.37
N MET B 364 -30.79 -8.84 14.99
CA MET B 364 -31.24 -9.88 15.90
C MET B 364 -30.34 -9.93 17.13
N GLN B 365 -29.03 -9.91 16.93
CA GLN B 365 -28.09 -9.95 18.03
C GLN B 365 -28.34 -8.76 18.96
N THR B 366 -28.48 -7.58 18.38
CA THR B 366 -28.69 -6.40 19.18
C THR B 366 -29.92 -6.53 20.06
N GLU B 367 -31.01 -6.98 19.48
CA GLU B 367 -32.25 -7.17 20.21
C GLU B 367 -32.11 -8.24 21.32
N LEU B 368 -31.40 -9.32 21.03
CA LEU B 368 -31.21 -10.36 22.04
C LEU B 368 -30.39 -9.81 23.19
N LEU B 369 -29.37 -9.00 22.86
CA LEU B 369 -28.52 -8.39 23.88
C LEU B 369 -29.32 -7.47 24.78
N VAL B 370 -29.95 -6.46 24.20
CA VAL B 370 -30.74 -5.50 24.96
C VAL B 370 -31.81 -6.23 25.77
N ASP B 371 -32.63 -7.02 25.10
CA ASP B 371 -33.69 -7.75 25.77
C ASP B 371 -33.20 -8.68 26.87
N THR B 372 -32.26 -9.55 26.55
CA THR B 372 -31.78 -10.45 27.58
C THR B 372 -31.24 -9.66 28.74
N LEU B 373 -30.20 -8.87 28.51
CA LEU B 373 -29.61 -8.10 29.60
C LEU B 373 -30.60 -7.32 30.47
N LEU B 374 -31.64 -6.75 29.86
CA LEU B 374 -32.61 -6.01 30.66
C LEU B 374 -33.51 -6.90 31.54
N GLU B 375 -33.55 -8.21 31.26
CA GLU B 375 -34.37 -9.13 32.04
C GLU B 375 -33.53 -9.90 33.03
N ARG B 376 -32.43 -10.46 32.55
CA ARG B 376 -31.53 -11.27 33.38
C ARG B 376 -30.75 -10.49 34.44
N LEU B 377 -30.47 -9.22 34.14
CA LEU B 377 -29.75 -8.35 35.07
C LEU B 377 -30.72 -7.30 35.60
N PRO B 378 -31.68 -7.74 36.44
CA PRO B 378 -32.72 -6.90 37.04
C PRO B 378 -32.17 -5.59 37.57
N GLY B 379 -32.79 -4.49 37.15
CA GLY B 379 -32.35 -3.18 37.61
C GLY B 379 -30.87 -2.93 37.32
N LEU B 380 -30.46 -3.25 36.09
CA LEU B 380 -29.09 -3.05 35.64
C LEU B 380 -28.73 -1.58 35.90
N ARG B 381 -27.51 -1.36 36.36
CA ARG B 381 -27.06 -0.01 36.70
C ARG B 381 -25.57 0.12 36.38
N LEU B 382 -25.12 1.33 36.07
CA LEU B 382 -23.72 1.56 35.80
C LEU B 382 -23.15 1.55 37.21
N ALA B 383 -22.01 0.90 37.41
CA ALA B 383 -21.41 0.80 38.74
C ALA B 383 -20.41 1.92 39.03
N VAL B 384 -20.08 2.69 38.00
CA VAL B 384 -19.14 3.79 38.12
C VAL B 384 -19.71 5.08 37.53
N PRO B 385 -18.98 6.18 37.70
CA PRO B 385 -19.42 7.48 37.18
C PRO B 385 -19.26 7.50 35.66
N ALA B 386 -20.17 8.17 34.96
CA ALA B 386 -20.11 8.26 33.50
C ALA B 386 -18.73 8.67 32.95
N GLU B 387 -18.02 9.52 33.70
CA GLU B 387 -16.72 9.99 33.30
C GLU B 387 -15.61 8.99 33.53
N GLN B 388 -15.97 7.83 34.07
CA GLN B 388 -15.00 6.80 34.33
C GLN B 388 -14.96 5.80 33.21
N VAL B 389 -15.88 5.94 32.28
CA VAL B 389 -15.96 5.07 31.12
C VAL B 389 -15.23 5.75 29.97
N ALA B 390 -14.05 5.23 29.65
CA ALA B 390 -13.26 5.77 28.56
C ALA B 390 -13.79 5.20 27.26
N TRP B 391 -13.19 5.61 26.16
CA TRP B 391 -13.61 5.14 24.85
C TRP B 391 -12.43 4.69 24.00
N ARG B 392 -12.72 3.93 22.96
CA ARG B 392 -11.70 3.42 22.07
C ARG B 392 -11.02 4.59 21.36
N ARG B 393 -9.71 4.49 21.14
CA ARG B 393 -8.99 5.54 20.43
C ARG B 393 -8.18 4.95 19.28
N LYS B 394 -8.05 5.73 18.21
CA LYS B 394 -7.30 5.31 17.04
C LYS B 394 -7.83 3.99 16.50
N THR B 395 -9.05 4.03 15.99
CA THR B 395 -9.68 2.86 15.40
C THR B 395 -10.91 3.32 14.62
N MET B 396 -11.31 2.52 13.63
CA MET B 396 -12.43 2.87 12.78
C MET B 396 -13.78 2.95 13.49
N ILE B 397 -14.09 1.98 14.32
CA ILE B 397 -15.37 1.98 15.02
C ILE B 397 -15.25 2.57 16.41
N ARG B 398 -16.28 3.30 16.82
CA ARG B 398 -16.32 3.96 18.13
C ARG B 398 -17.08 3.13 19.17
N GLY B 399 -16.73 3.32 20.43
CA GLY B 399 -17.38 2.58 21.50
C GLY B 399 -16.67 2.66 22.83
N PRO B 400 -17.32 2.19 23.91
CA PRO B 400 -16.77 2.20 25.27
C PRO B 400 -15.64 1.20 25.34
N ARG B 401 -14.66 1.44 26.21
CA ARG B 401 -13.57 0.51 26.34
C ARG B 401 -14.04 -0.60 27.29
N THR B 402 -14.97 -0.26 28.18
CA THR B 402 -15.55 -1.20 29.15
C THR B 402 -16.88 -0.62 29.63
N LEU B 403 -17.64 -1.42 30.37
CA LEU B 403 -18.94 -0.97 30.91
C LEU B 403 -19.19 -1.60 32.27
N PRO B 404 -18.53 -1.09 33.32
CA PRO B 404 -18.76 -1.67 34.65
C PRO B 404 -20.22 -1.51 35.09
N CYS B 405 -20.94 -2.61 35.18
CA CYS B 405 -22.33 -2.54 35.61
C CYS B 405 -22.56 -3.34 36.89
N THR B 406 -23.75 -3.18 37.46
CA THR B 406 -24.13 -3.88 38.68
C THR B 406 -25.63 -4.13 38.58
N TRP B 407 -26.13 -5.16 39.27
CA TRP B 407 -27.56 -5.49 39.24
C TRP B 407 -28.00 -6.08 40.60
N HIS B 408 -29.28 -6.41 40.75
CA HIS B 408 -29.76 -6.96 42.00
C HIS B 408 -29.25 -8.38 42.20
N HIS B 409 -28.42 -8.59 43.22
CA HIS B 409 -27.84 -9.90 43.50
C HIS B 409 -28.66 -10.69 44.51
#